data_1AOQ
#
_entry.id   1AOQ
#
_cell.length_a   106.700
_cell.length_b   60.600
_cell.length_c   100.100
_cell.angle_alpha   90.00
_cell.angle_beta   112.30
_cell.angle_gamma   90.00
#
_symmetry.space_group_name_H-M   'P 1 21 1'
#
loop_
_entity.id
_entity.type
_entity.pdbx_description
1 polymer 'NITRITE REDUCTASE'
2 non-polymer 'PROTOPORPHYRIN IX CONTAINING FE'
3 non-polymer 'HEME D'
4 non-polymer 'NITROGEN DIOXIDE'
5 non-polymer 'NITRIC OXIDE'
6 water water
#
_entity_poly.entity_id   1
_entity_poly.type   'polypeptide(L)'
_entity_poly.pdbx_seq_one_letter_code
;QEQVAPPKDPAAALEDHKTRTDNRYEPSLDNLAQQDVAAPGAPEGVTALSDAQYNEANKIYFERCAGCHGVLRKGATGKA
LTPDLTRDLGFDYLQSFITYASPAGMPNWGTSGELSAEQVDLMANYLLLDPAAPPEFGMKEMRESWKVHVAPEDRPTQQM
NDWDLENLFSVTLRDAGQIALIDGSTYEIKTVLDTGYAVHISRLSASGRYLFVIGRDGKVNMIDLWMKEPTTVAEIKIGS
EARSIETSKMEGWEDKYAIAGAYWPPQYVIMDGETLEPKKIQSTRGMTYDEQEYHPEPRVAAILASHYRPEFIVNVKETG
KILLVDYTDLNNLKTTEISAERFLHDGGLDGSHRYFITAANARNKLVVIDTKEGKLVAIEDTGGQTPHPGRGANFVHPTF
GPVWATSHMGDDSVALIGTDPEGHPDNAWKILDSFPALGGGSLFIKTHPNSQYLYVDATLNPEAEISGSVAVFDIKAMTG
DGSDPEFKTLPIAEWAGITEGQPRVVQGEFNKDGTEVWFSVWNGKDQESALVVVDDKTLELKHVIKDERLVTPTGKFNVY
NTMTDTY
;
_entity_poly.pdbx_strand_id   A,B
#
# COMPACT_ATOMS: atom_id res chain seq x y z
N HIS A 17 -8.13 27.64 -15.09
CA HIS A 17 -9.19 26.85 -15.79
C HIS A 17 -9.25 27.09 -17.28
N LYS A 18 -8.33 27.90 -17.81
CA LYS A 18 -8.29 28.15 -19.24
C LYS A 18 -7.36 27.13 -19.89
N THR A 19 -7.45 26.98 -21.20
CA THR A 19 -6.65 26.02 -21.94
C THR A 19 -5.19 26.44 -22.21
N ARG A 20 -4.27 25.77 -21.53
CA ARG A 20 -2.83 26.01 -21.71
C ARG A 20 -2.27 24.88 -22.57
N THR A 21 -1.16 25.13 -23.25
CA THR A 21 -0.55 24.11 -24.09
C THR A 21 -0.07 22.92 -23.27
N ASP A 22 0.15 23.14 -21.97
CA ASP A 22 0.63 22.09 -21.09
C ASP A 22 -0.33 21.63 -19.98
N ASN A 23 -1.63 21.74 -20.21
CA ASN A 23 -2.60 21.28 -19.22
C ASN A 23 -3.74 20.53 -19.90
N ARG A 24 -3.50 20.12 -21.15
CA ARG A 24 -4.48 19.38 -21.93
C ARG A 24 -4.16 17.89 -21.82
N TYR A 25 -3.00 17.59 -21.25
CA TYR A 25 -2.52 16.23 -21.06
C TYR A 25 -3.01 15.59 -19.76
N GLU A 26 -4.15 16.03 -19.27
CA GLU A 26 -4.67 15.46 -18.02
C GLU A 26 -5.59 14.28 -18.33
N PRO A 27 -5.58 13.25 -17.49
CA PRO A 27 -6.40 12.04 -17.65
C PRO A 27 -7.89 12.30 -17.80
N SER A 28 -8.46 11.78 -18.89
CA SER A 28 -9.89 11.90 -19.13
C SER A 28 -10.43 10.52 -18.81
N LEU A 29 -11.04 10.37 -17.64
CA LEU A 29 -11.57 9.08 -17.22
C LEU A 29 -12.95 8.81 -17.83
N ASP A 30 -13.00 8.79 -19.16
CA ASP A 30 -14.26 8.57 -19.88
C ASP A 30 -14.81 7.14 -19.84
N ASN A 31 -13.97 6.17 -19.52
CA ASN A 31 -14.43 4.79 -19.44
C ASN A 31 -15.11 4.61 -18.10
N LEU A 32 -14.51 5.18 -17.06
CA LEU A 32 -15.05 5.10 -15.71
C LEU A 32 -16.36 5.89 -15.64
N ALA A 33 -16.43 6.95 -16.44
CA ALA A 33 -17.61 7.83 -16.51
C ALA A 33 -18.86 7.11 -17.00
N GLN A 34 -18.68 5.97 -17.69
CA GLN A 34 -19.80 5.20 -18.23
C GLN A 34 -20.55 4.42 -17.16
N GLN A 35 -19.95 4.26 -15.98
CA GLN A 35 -20.56 3.54 -14.87
C GLN A 35 -21.68 4.38 -14.23
N ASP A 36 -22.82 3.74 -13.98
CA ASP A 36 -23.92 4.44 -13.34
C ASP A 36 -23.62 4.55 -11.85
N VAL A 37 -23.91 5.71 -11.27
CA VAL A 37 -23.67 5.93 -9.85
C VAL A 37 -24.97 6.31 -9.16
N ALA A 38 -25.07 6.00 -7.88
CA ALA A 38 -26.25 6.33 -7.10
C ALA A 38 -26.07 7.73 -6.53
N ALA A 39 -27.15 8.51 -6.49
CA ALA A 39 -27.08 9.85 -5.94
C ALA A 39 -27.10 9.77 -4.43
N PRO A 40 -26.15 10.45 -3.76
CA PRO A 40 -26.09 10.42 -2.30
C PRO A 40 -27.11 11.36 -1.68
N GLY A 41 -27.35 11.19 -0.40
CA GLY A 41 -28.26 12.07 0.31
C GLY A 41 -27.49 13.34 0.60
N ALA A 42 -28.20 14.44 0.86
CA ALA A 42 -27.53 15.70 1.14
C ALA A 42 -27.70 16.11 2.58
N PRO A 43 -26.61 16.54 3.23
CA PRO A 43 -26.68 16.96 4.63
C PRO A 43 -27.34 18.32 4.73
N GLU A 44 -27.67 18.73 5.94
CA GLU A 44 -28.32 20.01 6.18
C GLU A 44 -27.54 21.16 5.52
N GLY A 45 -28.26 22.02 4.82
CA GLY A 45 -27.64 23.16 4.17
C GLY A 45 -27.19 22.87 2.75
N VAL A 46 -27.35 21.63 2.31
CA VAL A 46 -26.96 21.22 0.96
C VAL A 46 -28.17 20.65 0.24
N THR A 47 -28.33 21.00 -1.03
CA THR A 47 -29.44 20.49 -1.82
C THR A 47 -29.00 19.24 -2.59
N ALA A 48 -29.81 18.19 -2.48
CA ALA A 48 -29.52 16.94 -3.17
C ALA A 48 -29.85 17.03 -4.65
N LEU A 49 -29.19 16.20 -5.43
CA LEU A 49 -29.42 16.11 -6.87
C LEU A 49 -30.11 14.78 -7.14
N SER A 50 -31.00 14.77 -8.12
CA SER A 50 -31.70 13.54 -8.46
C SER A 50 -30.69 12.54 -9.05
N ASP A 51 -31.10 11.28 -9.17
CA ASP A 51 -30.21 10.27 -9.74
C ASP A 51 -29.69 10.68 -11.11
N ALA A 52 -30.57 11.25 -11.93
CA ALA A 52 -30.17 11.68 -13.27
C ALA A 52 -29.28 12.91 -13.25
N GLN A 53 -29.63 13.88 -12.41
CA GLN A 53 -28.83 15.09 -12.30
C GLN A 53 -27.44 14.75 -11.79
N TYR A 54 -27.39 13.87 -10.80
CA TYR A 54 -26.13 13.45 -10.20
C TYR A 54 -25.29 12.66 -11.20
N ASN A 55 -25.91 11.75 -11.93
CA ASN A 55 -25.21 10.95 -12.92
C ASN A 55 -24.68 11.81 -14.06
N GLU A 56 -25.48 12.78 -14.50
CA GLU A 56 -25.08 13.67 -15.57
C GLU A 56 -23.86 14.46 -15.13
N ALA A 57 -23.88 14.92 -13.88
CA ALA A 57 -22.79 15.70 -13.32
C ALA A 57 -21.55 14.82 -13.08
N ASN A 58 -21.77 13.57 -12.69
CA ASN A 58 -20.68 12.63 -12.43
C ASN A 58 -19.93 12.30 -13.72
N LYS A 59 -20.68 12.12 -14.80
CA LYS A 59 -20.10 11.80 -16.09
C LYS A 59 -19.22 12.97 -16.55
N ILE A 60 -19.72 14.18 -16.33
CA ILE A 60 -18.97 15.38 -16.70
C ILE A 60 -17.71 15.49 -15.84
N TYR A 61 -17.86 15.19 -14.56
CA TYR A 61 -16.74 15.26 -13.63
C TYR A 61 -15.63 14.29 -14.01
N PHE A 62 -15.98 13.02 -14.22
CA PHE A 62 -14.99 12.01 -14.57
C PHE A 62 -14.31 12.29 -15.91
N GLU A 63 -15.07 12.80 -16.87
CA GLU A 63 -14.54 13.10 -18.20
C GLU A 63 -13.70 14.38 -18.28
N ARG A 64 -14.07 15.41 -17.53
CA ARG A 64 -13.37 16.69 -17.62
C ARG A 64 -12.65 17.23 -16.40
N CYS A 65 -13.01 16.77 -15.22
CA CYS A 65 -12.41 17.30 -13.99
C CYS A 65 -11.55 16.36 -13.17
N ALA A 66 -11.94 15.09 -13.12
CA ALA A 66 -11.24 14.09 -12.33
C ALA A 66 -9.75 14.01 -12.62
N GLY A 67 -9.35 14.30 -13.85
CA GLY A 67 -7.93 14.25 -14.21
C GLY A 67 -7.07 15.16 -13.34
N CYS A 68 -7.54 16.38 -13.11
CA CYS A 68 -6.78 17.33 -12.30
C CYS A 68 -7.13 17.32 -10.82
N HIS A 69 -8.38 17.01 -10.50
CA HIS A 69 -8.86 17.02 -9.11
C HIS A 69 -9.01 15.63 -8.47
N GLY A 70 -9.07 14.59 -9.27
CA GLY A 70 -9.21 13.23 -8.77
C GLY A 70 -10.65 12.77 -8.68
N VAL A 71 -10.90 11.50 -8.95
CA VAL A 71 -12.29 10.97 -8.87
C VAL A 71 -12.81 11.09 -7.43
N LEU A 72 -11.90 10.96 -6.46
CA LEU A 72 -12.26 11.08 -5.07
C LEU A 72 -12.17 12.54 -4.63
N ARG A 73 -11.76 13.40 -5.56
CA ARG A 73 -11.62 14.83 -5.33
C ARG A 73 -10.60 15.23 -4.26
N LYS A 74 -9.58 14.40 -4.05
CA LYS A 74 -8.54 14.68 -3.06
C LYS A 74 -7.40 15.51 -3.65
N GLY A 75 -7.55 15.88 -4.93
CA GLY A 75 -6.53 16.68 -5.60
C GLY A 75 -5.38 15.94 -6.25
N ALA A 76 -4.98 16.46 -7.40
CA ALA A 76 -3.85 15.92 -8.17
C ALA A 76 -3.04 17.16 -8.54
N THR A 77 -3.03 17.55 -9.81
CA THR A 77 -2.31 18.75 -10.21
C THR A 77 -3.13 19.94 -9.71
N GLY A 78 -4.43 19.72 -9.57
CA GLY A 78 -5.34 20.74 -9.09
C GLY A 78 -5.67 20.39 -7.65
N LYS A 79 -6.04 21.40 -6.85
CA LYS A 79 -6.36 21.21 -5.45
C LYS A 79 -7.56 20.32 -5.16
N ALA A 80 -7.66 19.89 -3.90
CA ALA A 80 -8.75 19.02 -3.47
C ALA A 80 -10.09 19.75 -3.56
N LEU A 81 -11.14 19.02 -3.91
CA LEU A 81 -12.49 19.57 -4.02
C LEU A 81 -13.46 18.78 -3.14
N THR A 82 -12.98 18.33 -1.99
CA THR A 82 -13.80 17.57 -1.06
C THR A 82 -14.89 18.47 -0.46
N PRO A 83 -16.04 17.88 -0.10
CA PRO A 83 -17.21 18.56 0.48
C PRO A 83 -16.87 19.61 1.54
N ASP A 84 -15.97 19.27 2.46
CA ASP A 84 -15.59 20.21 3.51
C ASP A 84 -15.05 21.53 2.94
N LEU A 85 -14.25 21.42 1.89
CA LEU A 85 -13.66 22.61 1.27
C LEU A 85 -14.67 23.36 0.41
N THR A 86 -15.38 22.63 -0.44
CA THR A 86 -16.37 23.23 -1.34
C THR A 86 -17.54 23.90 -0.61
N ARG A 87 -18.00 23.29 0.48
CA ARG A 87 -19.11 23.85 1.24
C ARG A 87 -18.72 25.17 1.88
N ASP A 88 -17.44 25.32 2.21
CA ASP A 88 -16.94 26.55 2.81
C ASP A 88 -16.92 27.64 1.74
N LEU A 89 -16.69 27.24 0.50
CA LEU A 89 -16.65 28.18 -0.63
C LEU A 89 -18.08 28.61 -0.97
N GLY A 90 -19.01 27.66 -0.92
CA GLY A 90 -20.40 27.98 -1.20
C GLY A 90 -20.81 27.80 -2.65
N PHE A 91 -22.10 27.53 -2.85
CA PHE A 91 -22.66 27.34 -4.18
C PHE A 91 -22.43 28.55 -5.10
N ASP A 92 -22.65 29.75 -4.58
CA ASP A 92 -22.47 30.96 -5.38
C ASP A 92 -21.05 31.08 -5.94
N TYR A 93 -20.05 30.82 -5.11
CA TYR A 93 -18.66 30.89 -5.55
C TYR A 93 -18.41 29.83 -6.62
N LEU A 94 -18.81 28.60 -6.35
CA LEU A 94 -18.62 27.49 -7.27
C LEU A 94 -19.30 27.77 -8.62
N GLN A 95 -20.54 28.22 -8.57
CA GLN A 95 -21.32 28.52 -9.77
C GLN A 95 -20.60 29.55 -10.64
N SER A 96 -20.14 30.64 -10.04
CA SER A 96 -19.44 31.70 -10.76
C SER A 96 -18.12 31.21 -11.35
N PHE A 97 -17.37 30.46 -10.55
CA PHE A 97 -16.07 29.95 -10.97
C PHE A 97 -16.19 28.97 -12.14
N ILE A 98 -17.11 28.02 -12.01
CA ILE A 98 -17.34 27.00 -13.03
C ILE A 98 -17.94 27.55 -14.33
N THR A 99 -18.56 28.73 -14.25
CA THR A 99 -19.16 29.36 -15.42
C THR A 99 -18.13 29.64 -16.52
N TYR A 100 -16.90 29.94 -16.10
CA TYR A 100 -15.82 30.23 -17.04
C TYR A 100 -15.36 29.04 -17.87
N ALA A 101 -15.77 27.84 -17.45
CA ALA A 101 -15.45 26.57 -18.11
C ALA A 101 -14.24 25.87 -17.48
N SER A 102 -13.67 24.92 -18.22
CA SER A 102 -12.51 24.17 -17.77
C SER A 102 -11.54 23.91 -18.92
N PRO A 103 -10.26 23.61 -18.61
CA PRO A 103 -9.26 23.35 -19.65
C PRO A 103 -9.68 22.26 -20.64
N ALA A 104 -9.43 22.50 -21.91
CA ALA A 104 -9.78 21.54 -22.95
C ALA A 104 -8.86 20.32 -22.86
N GLY A 105 -9.35 19.18 -23.29
CA GLY A 105 -8.55 17.97 -23.25
C GLY A 105 -7.72 17.83 -24.52
N MET A 106 -7.27 16.61 -24.79
CA MET A 106 -6.48 16.35 -25.98
C MET A 106 -7.30 16.60 -27.24
N PRO A 107 -6.65 17.08 -28.30
CA PRO A 107 -7.33 17.37 -29.56
C PRO A 107 -7.93 16.13 -30.22
N ASN A 108 -8.89 16.34 -31.11
CA ASN A 108 -9.56 15.28 -31.85
C ASN A 108 -10.60 14.45 -31.09
N TRP A 109 -10.33 14.15 -29.82
CA TRP A 109 -11.26 13.35 -29.03
C TRP A 109 -11.59 13.97 -27.68
N GLY A 110 -10.71 14.85 -27.20
CA GLY A 110 -10.93 15.48 -25.90
C GLY A 110 -12.06 16.47 -25.82
N THR A 111 -12.36 16.89 -24.59
CA THR A 111 -13.42 17.84 -24.32
C THR A 111 -13.02 19.27 -24.70
N SER A 112 -14.03 20.11 -24.92
CA SER A 112 -13.84 21.51 -25.28
C SER A 112 -13.75 22.31 -23.99
N GLY A 113 -14.31 21.76 -22.93
CA GLY A 113 -14.31 22.42 -21.63
C GLY A 113 -15.45 23.40 -21.47
N GLU A 114 -16.36 23.45 -22.46
CA GLU A 114 -17.50 24.36 -22.42
C GLU A 114 -18.71 23.74 -21.72
N LEU A 115 -19.36 24.52 -20.85
CA LEU A 115 -20.52 24.04 -20.10
C LEU A 115 -21.71 25.00 -20.24
N SER A 116 -22.91 24.43 -20.33
CA SER A 116 -24.12 25.23 -20.44
C SER A 116 -24.52 25.69 -19.03
N ALA A 117 -25.56 26.51 -18.94
CA ALA A 117 -26.02 27.01 -17.65
C ALA A 117 -26.58 25.86 -16.81
N GLU A 118 -27.23 24.91 -17.46
CA GLU A 118 -27.82 23.74 -16.79
C GLU A 118 -26.70 22.89 -16.17
N GLN A 119 -25.63 22.71 -16.93
CA GLN A 119 -24.49 21.91 -16.49
C GLN A 119 -23.70 22.60 -15.39
N VAL A 120 -23.61 23.92 -15.45
CA VAL A 120 -22.89 24.69 -14.43
C VAL A 120 -23.60 24.49 -13.09
N ASP A 121 -24.93 24.34 -13.14
CA ASP A 121 -25.73 24.14 -11.94
C ASP A 121 -25.48 22.73 -11.40
N LEU A 122 -25.54 21.73 -12.30
CA LEU A 122 -25.31 20.35 -11.92
C LEU A 122 -23.93 20.18 -11.29
N MET A 123 -22.92 20.76 -11.92
CA MET A 123 -21.55 20.68 -11.43
C MET A 123 -21.36 21.33 -10.06
N ALA A 124 -21.93 22.51 -9.89
CA ALA A 124 -21.82 23.24 -8.62
C ALA A 124 -22.49 22.44 -7.49
N ASN A 125 -23.67 21.88 -7.78
CA ASN A 125 -24.39 21.09 -6.79
C ASN A 125 -23.62 19.80 -6.49
N TYR A 126 -23.12 19.17 -7.55
CA TYR A 126 -22.36 17.91 -7.43
C TYR A 126 -21.18 18.02 -6.47
N LEU A 127 -20.41 19.10 -6.61
CA LEU A 127 -19.24 19.30 -5.76
C LEU A 127 -19.57 19.50 -4.28
N LEU A 128 -20.84 19.77 -3.99
CA LEU A 128 -21.29 19.98 -2.61
C LEU A 128 -21.71 18.66 -1.94
N LEU A 129 -21.90 17.62 -2.74
CA LEU A 129 -22.31 16.32 -2.24
C LEU A 129 -21.12 15.39 -1.97
N ASP A 130 -21.35 14.38 -1.14
CA ASP A 130 -20.32 13.40 -0.77
C ASP A 130 -20.20 12.34 -1.86
N PRO A 131 -19.03 12.24 -2.49
CA PRO A 131 -18.83 11.25 -3.54
C PRO A 131 -18.51 9.86 -3.02
N ALA A 132 -19.00 8.85 -3.73
CA ALA A 132 -18.71 7.47 -3.39
C ALA A 132 -17.46 7.12 -4.19
N ALA A 133 -16.76 6.08 -3.78
CA ALA A 133 -15.57 5.65 -4.50
C ALA A 133 -16.05 4.67 -5.57
N PRO A 134 -15.52 4.78 -6.80
CA PRO A 134 -15.95 3.86 -7.85
C PRO A 134 -15.58 2.44 -7.40
N PRO A 135 -16.20 1.42 -8.01
CA PRO A 135 -15.90 0.04 -7.61
C PRO A 135 -14.43 -0.35 -7.76
N GLU A 136 -13.99 -1.29 -6.95
CA GLU A 136 -12.63 -1.80 -7.01
C GLU A 136 -12.63 -2.85 -8.14
N PHE A 137 -11.46 -3.37 -8.49
CA PHE A 137 -11.39 -4.36 -9.54
C PHE A 137 -10.24 -5.29 -9.18
N GLY A 138 -10.57 -6.35 -8.46
CA GLY A 138 -9.57 -7.31 -8.01
C GLY A 138 -9.46 -8.61 -8.76
N MET A 139 -8.84 -9.61 -8.12
CA MET A 139 -8.63 -10.91 -8.74
C MET A 139 -9.89 -11.60 -9.26
N LYS A 140 -10.96 -11.61 -8.48
CA LYS A 140 -12.19 -12.25 -8.94
C LYS A 140 -12.66 -11.65 -10.26
N GLU A 141 -12.67 -10.31 -10.33
CA GLU A 141 -13.09 -9.59 -11.52
C GLU A 141 -12.13 -9.84 -12.69
N MET A 142 -10.83 -9.83 -12.41
CA MET A 142 -9.84 -10.06 -13.46
C MET A 142 -9.98 -11.46 -14.02
N ARG A 143 -10.06 -12.47 -13.15
CA ARG A 143 -10.17 -13.85 -13.60
C ARG A 143 -11.44 -14.10 -14.40
N GLU A 144 -12.49 -13.36 -14.09
CA GLU A 144 -13.74 -13.52 -14.82
C GLU A 144 -13.56 -12.99 -16.25
N SER A 145 -12.76 -11.95 -16.40
CA SER A 145 -12.50 -11.36 -17.71
C SER A 145 -11.35 -12.05 -18.43
N TRP A 146 -10.62 -12.89 -17.72
CA TRP A 146 -9.47 -13.60 -18.26
C TRP A 146 -9.88 -14.71 -19.22
N LYS A 147 -9.41 -14.61 -20.46
CA LYS A 147 -9.73 -15.61 -21.47
C LYS A 147 -8.50 -15.97 -22.29
N VAL A 148 -8.17 -17.26 -22.31
CA VAL A 148 -7.04 -17.77 -23.06
C VAL A 148 -7.67 -18.38 -24.32
N HIS A 149 -7.52 -17.67 -25.43
CA HIS A 149 -8.08 -18.11 -26.71
C HIS A 149 -7.27 -19.22 -27.33
N VAL A 150 -5.95 -19.17 -27.17
CA VAL A 150 -5.07 -20.22 -27.70
C VAL A 150 -4.07 -20.56 -26.60
N ALA A 151 -4.22 -21.74 -26.00
CA ALA A 151 -3.33 -22.19 -24.94
C ALA A 151 -1.91 -22.33 -25.47
N PRO A 152 -0.91 -22.11 -24.60
CA PRO A 152 0.50 -22.22 -25.01
C PRO A 152 0.84 -23.51 -25.75
N GLU A 153 0.30 -24.64 -25.29
CA GLU A 153 0.56 -25.93 -25.93
C GLU A 153 0.05 -26.01 -27.37
N ASP A 154 -0.91 -25.16 -27.69
CA ASP A 154 -1.49 -25.15 -29.04
C ASP A 154 -0.92 -24.10 -29.95
N ARG A 155 0.06 -23.35 -29.46
CA ARG A 155 0.70 -22.31 -30.25
C ARG A 155 1.89 -22.92 -30.96
N PRO A 156 2.36 -22.27 -32.04
CA PRO A 156 3.52 -22.81 -32.74
C PRO A 156 4.81 -22.79 -31.91
N THR A 157 5.78 -23.61 -32.32
CA THR A 157 7.07 -23.68 -31.63
C THR A 157 8.13 -22.90 -32.40
N GLN A 158 7.73 -22.32 -33.54
CA GLN A 158 8.61 -21.50 -34.37
C GLN A 158 7.70 -20.57 -35.18
N GLN A 159 8.26 -19.51 -35.74
CA GLN A 159 7.47 -18.57 -36.53
C GLN A 159 6.88 -19.29 -37.74
N MET A 160 5.54 -19.18 -37.91
CA MET A 160 4.84 -19.90 -38.97
C MET A 160 4.39 -18.95 -40.08
N ASN A 161 4.56 -17.66 -39.97
CA ASN A 161 4.21 -16.73 -41.04
C ASN A 161 5.56 -16.31 -41.64
N ASP A 162 5.53 -15.57 -42.76
CA ASP A 162 6.78 -15.15 -43.41
C ASP A 162 7.10 -13.67 -43.21
N TRP A 163 6.49 -13.06 -42.21
CA TRP A 163 6.71 -11.64 -41.95
C TRP A 163 8.09 -11.38 -41.33
N ASP A 164 8.55 -10.15 -41.46
CA ASP A 164 9.81 -9.73 -40.87
C ASP A 164 9.32 -9.12 -39.54
N LEU A 165 9.15 -9.97 -38.53
CA LEU A 165 8.62 -9.53 -37.26
C LEU A 165 9.36 -8.37 -36.60
N GLU A 166 10.68 -8.43 -36.55
CA GLU A 166 11.43 -7.36 -35.89
C GLU A 166 11.30 -5.99 -36.52
N ASN A 167 10.93 -5.96 -37.81
CA ASN A 167 10.77 -4.67 -38.48
C ASN A 167 9.30 -4.25 -38.57
N LEU A 168 8.42 -5.01 -37.94
CA LEU A 168 7.00 -4.69 -37.92
C LEU A 168 6.74 -3.46 -37.05
N PHE A 169 5.68 -2.73 -37.38
CA PHE A 169 5.24 -1.57 -36.59
C PHE A 169 3.83 -1.87 -36.10
N SER A 170 3.60 -1.68 -34.80
CA SER A 170 2.28 -1.88 -34.21
C SER A 170 1.69 -0.49 -34.03
N VAL A 171 0.69 -0.18 -34.85
CA VAL A 171 0.04 1.14 -34.87
C VAL A 171 -1.36 1.19 -34.26
N THR A 172 -1.54 2.10 -33.31
CA THR A 172 -2.81 2.28 -32.65
C THR A 172 -3.78 2.99 -33.61
N LEU A 173 -4.95 2.40 -33.81
CA LEU A 173 -6.00 3.00 -34.63
C LEU A 173 -6.97 3.35 -33.49
N ARG A 174 -6.66 4.45 -32.83
CA ARG A 174 -7.37 4.89 -31.62
C ARG A 174 -8.88 4.70 -31.49
N ASP A 175 -9.63 5.52 -32.20
CA ASP A 175 -11.09 5.49 -32.12
C ASP A 175 -11.77 4.25 -32.69
N ALA A 176 -11.02 3.44 -33.42
CA ALA A 176 -11.57 2.22 -34.00
C ALA A 176 -11.41 0.99 -33.09
N GLY A 177 -10.64 1.15 -32.01
CA GLY A 177 -10.42 0.04 -31.10
C GLY A 177 -9.70 -1.09 -31.81
N GLN A 178 -8.71 -0.73 -32.61
CA GLN A 178 -7.92 -1.68 -33.38
C GLN A 178 -6.47 -1.24 -33.44
N ILE A 179 -5.62 -2.14 -33.91
CA ILE A 179 -4.21 -1.85 -34.12
C ILE A 179 -3.89 -2.42 -35.49
N ALA A 180 -2.95 -1.80 -36.18
CA ALA A 180 -2.52 -2.26 -37.49
C ALA A 180 -1.08 -2.71 -37.37
N LEU A 181 -0.79 -3.89 -37.90
CA LEU A 181 0.57 -4.41 -37.91
C LEU A 181 1.06 -4.09 -39.31
N ILE A 182 2.04 -3.22 -39.40
CA ILE A 182 2.55 -2.76 -40.68
C ILE A 182 4.00 -3.13 -40.96
N ASP A 183 4.25 -3.64 -42.16
CA ASP A 183 5.58 -4.03 -42.58
C ASP A 183 6.45 -2.76 -42.62
N GLY A 184 7.56 -2.78 -41.90
CA GLY A 184 8.45 -1.62 -41.84
C GLY A 184 9.24 -1.28 -43.08
N SER A 185 9.32 -2.19 -44.04
CA SER A 185 10.06 -1.94 -45.26
C SER A 185 9.16 -1.73 -46.48
N THR A 186 8.08 -2.49 -46.56
CA THR A 186 7.16 -2.39 -47.69
C THR A 186 5.98 -1.47 -47.41
N TYR A 187 5.73 -1.20 -46.13
CA TYR A 187 4.64 -0.34 -45.67
C TYR A 187 3.25 -0.97 -45.88
N GLU A 188 3.24 -2.27 -46.14
CA GLU A 188 1.99 -2.99 -46.33
C GLU A 188 1.37 -3.28 -44.98
N ILE A 189 0.08 -3.06 -44.85
CA ILE A 189 -0.63 -3.36 -43.61
C ILE A 189 -0.84 -4.88 -43.68
N LYS A 190 -0.12 -5.60 -42.83
CA LYS A 190 -0.20 -7.05 -42.77
C LYS A 190 -1.49 -7.55 -42.14
N THR A 191 -2.00 -6.77 -41.20
CA THR A 191 -3.23 -7.16 -40.52
C THR A 191 -3.73 -6.04 -39.62
N VAL A 192 -5.04 -6.04 -39.42
CA VAL A 192 -5.69 -5.07 -38.53
C VAL A 192 -6.41 -5.96 -37.52
N LEU A 193 -6.08 -5.79 -36.25
CA LEU A 193 -6.68 -6.60 -35.20
C LEU A 193 -7.57 -5.77 -34.29
N ASP A 194 -8.69 -6.35 -33.86
CA ASP A 194 -9.61 -5.68 -32.97
C ASP A 194 -9.19 -5.87 -31.51
N THR A 195 -9.43 -4.85 -30.70
CA THR A 195 -9.10 -4.90 -29.28
C THR A 195 -10.22 -4.34 -28.39
N GLY A 196 -11.10 -3.52 -28.97
CA GLY A 196 -12.19 -2.94 -28.21
C GLY A 196 -12.17 -1.43 -28.35
N TYR A 197 -11.51 -0.73 -27.42
CA TYR A 197 -11.42 0.72 -27.53
C TYR A 197 -10.13 1.40 -27.07
N ALA A 198 -9.64 2.25 -27.96
CA ALA A 198 -8.44 3.05 -27.77
C ALA A 198 -7.26 2.42 -27.03
N VAL A 199 -6.41 1.74 -27.78
CA VAL A 199 -5.21 1.14 -27.25
C VAL A 199 -4.28 2.31 -26.99
N HIS A 200 -3.65 2.36 -25.82
CA HIS A 200 -2.75 3.46 -25.53
C HIS A 200 -1.33 3.22 -26.03
N ILE A 201 -0.82 2.02 -25.78
CA ILE A 201 0.54 1.69 -26.22
C ILE A 201 0.68 0.20 -26.51
N SER A 202 1.71 -0.11 -27.28
CA SER A 202 2.06 -1.48 -27.62
C SER A 202 3.42 -1.70 -26.98
N ARG A 203 3.63 -2.89 -26.47
CA ARG A 203 4.90 -3.28 -25.88
C ARG A 203 5.17 -4.72 -26.32
N LEU A 204 6.44 -5.06 -26.47
CA LEU A 204 6.81 -6.40 -26.91
C LEU A 204 7.54 -7.20 -25.85
N SER A 205 7.40 -8.51 -25.88
CA SER A 205 8.11 -9.36 -24.93
C SER A 205 9.59 -9.24 -25.32
N ALA A 206 10.48 -9.60 -24.42
CA ALA A 206 11.90 -9.50 -24.70
C ALA A 206 12.37 -10.32 -25.89
N SER A 207 11.67 -11.42 -26.18
CA SER A 207 12.03 -12.28 -27.31
C SER A 207 11.48 -11.72 -28.62
N GLY A 208 10.53 -10.80 -28.50
CA GLY A 208 9.90 -10.21 -29.68
C GLY A 208 8.75 -11.04 -30.22
N ARG A 209 8.46 -12.16 -29.58
CA ARG A 209 7.38 -13.03 -30.05
C ARG A 209 5.99 -12.55 -29.68
N TYR A 210 5.84 -12.03 -28.47
CA TYR A 210 4.52 -11.59 -28.02
C TYR A 210 4.31 -10.09 -27.96
N LEU A 211 3.20 -9.65 -28.55
CA LEU A 211 2.82 -8.25 -28.61
C LEU A 211 1.70 -8.02 -27.59
N PHE A 212 1.92 -7.06 -26.69
CA PHE A 212 0.94 -6.72 -25.67
C PHE A 212 0.40 -5.32 -25.92
N VAL A 213 -0.91 -5.16 -25.84
CA VAL A 213 -1.53 -3.85 -26.02
C VAL A 213 -2.48 -3.62 -24.84
N ILE A 214 -2.53 -2.37 -24.38
CA ILE A 214 -3.38 -2.00 -23.26
C ILE A 214 -4.35 -0.90 -23.71
N GLY A 215 -5.64 -1.13 -23.52
CA GLY A 215 -6.64 -0.15 -23.90
C GLY A 215 -6.87 0.78 -22.72
N ARG A 216 -7.38 1.99 -23.00
CA ARG A 216 -7.62 2.97 -21.94
C ARG A 216 -8.62 2.48 -20.89
N ASP A 217 -9.47 1.53 -21.27
CA ASP A 217 -10.47 0.99 -20.35
C ASP A 217 -9.94 -0.18 -19.52
N GLY A 218 -8.63 -0.44 -19.62
CA GLY A 218 -8.02 -1.50 -18.84
C GLY A 218 -7.96 -2.87 -19.48
N LYS A 219 -8.38 -2.99 -20.72
CA LYS A 219 -8.35 -4.30 -21.39
C LYS A 219 -6.96 -4.54 -21.99
N VAL A 220 -6.42 -5.72 -21.74
CA VAL A 220 -5.12 -6.11 -22.25
C VAL A 220 -5.30 -7.26 -23.22
N ASN A 221 -4.65 -7.17 -24.38
CA ASN A 221 -4.70 -8.22 -25.38
C ASN A 221 -3.27 -8.67 -25.62
N MET A 222 -3.07 -9.98 -25.69
CA MET A 222 -1.76 -10.58 -25.92
C MET A 222 -1.86 -11.26 -27.28
N ILE A 223 -0.94 -10.92 -28.18
CA ILE A 223 -0.92 -11.43 -29.54
C ILE A 223 0.36 -12.23 -29.85
N ASP A 224 0.19 -13.40 -30.45
CA ASP A 224 1.31 -14.26 -30.80
C ASP A 224 1.72 -13.97 -32.23
N LEU A 225 2.86 -13.29 -32.38
CA LEU A 225 3.34 -12.94 -33.73
C LEU A 225 3.86 -14.13 -34.51
N TRP A 226 3.97 -15.29 -33.87
CA TRP A 226 4.45 -16.49 -34.54
C TRP A 226 3.37 -17.27 -35.29
N MET A 227 2.10 -16.99 -35.01
CA MET A 227 1.01 -17.69 -35.69
C MET A 227 0.94 -17.32 -37.19
N LYS A 228 0.45 -18.25 -37.99
CA LYS A 228 0.30 -18.04 -39.43
C LYS A 228 -0.51 -16.76 -39.60
N GLU A 229 -1.56 -16.62 -38.78
CA GLU A 229 -2.40 -15.43 -38.78
C GLU A 229 -2.38 -14.93 -37.34
N PRO A 230 -1.46 -14.02 -37.01
CA PRO A 230 -1.38 -13.49 -35.64
C PRO A 230 -2.73 -12.97 -35.16
N THR A 231 -3.06 -13.29 -33.92
CA THR A 231 -4.31 -12.85 -33.33
C THR A 231 -4.16 -12.86 -31.82
N THR A 232 -5.19 -12.41 -31.13
CA THR A 232 -5.19 -12.39 -29.68
C THR A 232 -5.26 -13.83 -29.13
N VAL A 233 -4.21 -14.24 -28.42
CA VAL A 233 -4.16 -15.57 -27.83
C VAL A 233 -4.70 -15.57 -26.41
N ALA A 234 -4.73 -14.38 -25.80
CA ALA A 234 -5.22 -14.21 -24.44
C ALA A 234 -5.58 -12.76 -24.19
N GLU A 235 -6.57 -12.54 -23.32
CA GLU A 235 -7.00 -11.19 -22.98
C GLU A 235 -7.44 -11.17 -21.52
N ILE A 236 -7.43 -9.98 -20.93
CA ILE A 236 -7.83 -9.83 -19.54
C ILE A 236 -8.04 -8.34 -19.27
N LYS A 237 -8.91 -8.03 -18.32
CA LYS A 237 -9.19 -6.65 -17.95
C LYS A 237 -8.51 -6.49 -16.58
N ILE A 238 -7.75 -5.42 -16.40
CA ILE A 238 -7.02 -5.21 -15.16
C ILE A 238 -7.45 -3.98 -14.36
N GLY A 239 -8.46 -3.28 -14.84
CA GLY A 239 -8.94 -2.10 -14.15
C GLY A 239 -10.03 -1.42 -14.97
N SER A 240 -10.38 -0.20 -14.60
CA SER A 240 -11.41 0.57 -15.31
C SER A 240 -10.77 1.65 -16.17
N GLU A 241 -9.60 2.12 -15.77
CA GLU A 241 -8.85 3.14 -16.49
C GLU A 241 -7.39 2.75 -16.36
N ALA A 242 -6.72 2.53 -17.49
CA ALA A 242 -5.31 2.13 -17.49
C ALA A 242 -4.59 2.75 -18.68
N ARG A 243 -3.28 2.93 -18.56
CA ARG A 243 -2.51 3.53 -19.65
C ARG A 243 -1.17 2.86 -19.91
N SER A 244 -0.73 1.99 -19.00
CA SER A 244 0.60 1.40 -19.17
C SER A 244 0.74 -0.11 -19.08
N ILE A 245 1.74 -0.62 -19.77
CA ILE A 245 2.01 -2.06 -19.78
C ILE A 245 3.48 -2.24 -20.16
N GLU A 246 4.10 -3.32 -19.68
CA GLU A 246 5.50 -3.60 -20.00
C GLU A 246 5.79 -5.09 -19.78
N THR A 247 6.89 -5.56 -20.34
CA THR A 247 7.29 -6.95 -20.24
C THR A 247 8.64 -7.07 -19.51
N SER A 248 8.90 -8.26 -18.96
CA SER A 248 10.14 -8.52 -18.23
C SER A 248 11.33 -8.50 -19.19
N LYS A 249 12.33 -7.68 -18.88
CA LYS A 249 13.48 -7.53 -19.75
C LYS A 249 14.86 -7.89 -19.20
N MET A 250 14.89 -8.50 -18.03
CA MET A 250 16.17 -8.93 -17.44
C MET A 250 16.58 -10.21 -18.15
N GLU A 251 17.86 -10.32 -18.49
CA GLU A 251 18.37 -11.52 -19.15
C GLU A 251 18.03 -12.74 -18.29
N GLY A 252 17.47 -13.76 -18.93
CA GLY A 252 17.08 -14.96 -18.21
C GLY A 252 15.59 -14.98 -17.88
N TRP A 253 14.94 -13.83 -17.99
CA TRP A 253 13.52 -13.71 -17.68
C TRP A 253 12.67 -13.33 -18.89
N GLU A 254 13.19 -13.58 -20.08
CA GLU A 254 12.47 -13.27 -21.32
C GLU A 254 11.14 -14.04 -21.35
N ASP A 255 10.08 -13.33 -21.70
CA ASP A 255 8.72 -13.88 -21.80
C ASP A 255 8.11 -14.39 -20.50
N LYS A 256 8.77 -14.14 -19.37
CA LYS A 256 8.25 -14.63 -18.11
C LYS A 256 7.03 -13.87 -17.58
N TYR A 257 7.09 -12.54 -17.62
CA TYR A 257 5.99 -11.72 -17.10
C TYR A 257 5.65 -10.49 -17.90
N ALA A 258 4.47 -9.96 -17.61
CA ALA A 258 3.95 -8.72 -18.19
C ALA A 258 3.39 -8.01 -16.96
N ILE A 259 3.33 -6.69 -17.02
CA ILE A 259 2.79 -5.91 -15.90
C ILE A 259 1.95 -4.78 -16.49
N ALA A 260 0.82 -4.51 -15.86
CA ALA A 260 -0.05 -3.44 -16.33
C ALA A 260 -0.29 -2.46 -15.18
N GLY A 261 -0.40 -1.18 -15.53
CA GLY A 261 -0.63 -0.15 -14.54
C GLY A 261 -1.98 0.50 -14.77
N ALA A 262 -2.66 0.88 -13.70
CA ALA A 262 -3.97 1.50 -13.83
C ALA A 262 -4.08 2.83 -13.10
N TYR A 263 -4.98 3.67 -13.60
CA TYR A 263 -5.31 4.95 -12.98
C TYR A 263 -6.38 4.63 -11.93
N TRP A 264 -7.35 3.81 -12.33
CA TRP A 264 -8.40 3.37 -11.43
C TRP A 264 -8.77 1.91 -11.70
N PRO A 265 -8.69 1.05 -10.66
CA PRO A 265 -8.26 1.44 -9.31
C PRO A 265 -6.76 1.75 -9.37
N PRO A 266 -6.24 2.44 -8.34
CA PRO A 266 -4.81 2.80 -8.29
C PRO A 266 -4.06 1.50 -7.99
N GLN A 267 -3.60 0.82 -9.04
CA GLN A 267 -2.91 -0.45 -8.84
C GLN A 267 -2.14 -0.91 -10.06
N TYR A 268 -1.27 -1.89 -9.86
CA TYR A 268 -0.53 -2.49 -10.95
C TYR A 268 -0.71 -4.00 -10.80
N VAL A 269 -0.64 -4.71 -11.91
CA VAL A 269 -0.85 -6.15 -11.89
C VAL A 269 0.22 -6.89 -12.67
N ILE A 270 0.86 -7.86 -12.05
CA ILE A 270 1.88 -8.68 -12.72
C ILE A 270 1.15 -9.93 -13.24
N MET A 271 1.27 -10.20 -14.53
CA MET A 271 0.62 -11.34 -15.16
C MET A 271 1.63 -12.29 -15.79
N ASP A 272 1.23 -13.55 -15.94
CA ASP A 272 2.06 -14.58 -16.56
C ASP A 272 2.32 -14.12 -18.00
N GLY A 273 3.59 -14.12 -18.41
CA GLY A 273 3.94 -13.67 -19.75
C GLY A 273 3.45 -14.52 -20.90
N GLU A 274 3.00 -15.73 -20.61
CA GLU A 274 2.50 -16.63 -21.65
C GLU A 274 0.99 -16.79 -21.68
N THR A 275 0.31 -16.59 -20.56
CA THR A 275 -1.14 -16.78 -20.53
C THR A 275 -1.95 -15.56 -20.08
N LEU A 276 -1.26 -14.57 -19.50
CA LEU A 276 -1.88 -13.37 -18.96
C LEU A 276 -2.57 -13.66 -17.62
N GLU A 277 -2.37 -14.86 -17.08
CA GLU A 277 -2.97 -15.19 -15.78
C GLU A 277 -2.52 -14.14 -14.78
N PRO A 278 -3.47 -13.50 -14.09
CA PRO A 278 -3.10 -12.47 -13.11
C PRO A 278 -2.44 -13.15 -11.90
N LYS A 279 -1.20 -12.77 -11.62
CA LYS A 279 -0.44 -13.36 -10.53
C LYS A 279 -0.33 -12.51 -9.25
N LYS A 280 -0.11 -11.22 -9.42
CA LYS A 280 0.05 -10.36 -8.25
C LYS A 280 -0.50 -8.95 -8.51
N ILE A 281 -1.45 -8.54 -7.69
CA ILE A 281 -2.02 -7.19 -7.81
C ILE A 281 -1.51 -6.38 -6.62
N GLN A 282 -1.01 -5.19 -6.90
CA GLN A 282 -0.50 -4.31 -5.86
C GLN A 282 -1.17 -2.95 -5.90
N SER A 283 -1.73 -2.54 -4.77
CA SER A 283 -2.37 -1.24 -4.64
C SER A 283 -1.26 -0.19 -4.56
N THR A 284 -1.52 0.98 -5.14
CA THR A 284 -0.56 2.06 -5.10
C THR A 284 -1.01 3.17 -4.14
N ARG A 285 -2.13 2.95 -3.47
CA ARG A 285 -2.59 3.92 -2.49
C ARG A 285 -1.50 4.02 -1.42
N GLY A 286 -1.22 5.23 -0.96
CA GLY A 286 -0.17 5.37 0.04
C GLY A 286 0.16 6.81 0.37
N MET A 287 1.35 7.01 0.95
CA MET A 287 1.81 8.32 1.37
C MET A 287 2.63 9.07 0.34
N THR A 288 2.47 10.39 0.30
CA THR A 288 3.25 11.24 -0.60
C THR A 288 4.68 11.22 -0.04
N TYR A 289 5.67 11.27 -0.93
CA TYR A 289 7.06 11.20 -0.47
C TYR A 289 7.54 12.37 0.37
N ASP A 290 7.09 13.58 0.04
CA ASP A 290 7.51 14.78 0.75
C ASP A 290 6.73 15.18 1.98
N GLU A 291 5.45 15.48 1.81
CA GLU A 291 4.63 15.90 2.95
C GLU A 291 4.16 14.71 3.76
N GLN A 292 4.44 13.51 3.25
CA GLN A 292 4.04 12.26 3.88
C GLN A 292 2.62 12.32 4.41
N GLU A 293 1.70 12.45 3.47
CA GLU A 293 0.27 12.53 3.71
C GLU A 293 -0.37 11.44 2.84
N TYR A 294 -1.40 10.80 3.37
CA TYR A 294 -2.08 9.76 2.64
C TYR A 294 -2.77 10.27 1.39
N HIS A 295 -2.57 9.57 0.29
CA HIS A 295 -3.22 9.92 -0.96
C HIS A 295 -3.97 8.68 -1.43
N PRO A 296 -5.31 8.77 -1.56
CA PRO A 296 -6.18 7.67 -1.98
C PRO A 296 -6.27 7.39 -3.48
N GLU A 297 -5.56 8.16 -4.30
CA GLU A 297 -5.62 7.96 -5.74
C GLU A 297 -4.29 8.17 -6.46
N PRO A 298 -3.23 7.42 -6.08
CA PRO A 298 -1.95 7.58 -6.75
C PRO A 298 -1.93 6.74 -8.02
N ARG A 299 -2.15 7.39 -9.15
CA ARG A 299 -2.20 6.73 -10.45
C ARG A 299 -0.85 6.17 -10.90
N VAL A 300 -0.88 4.99 -11.52
CA VAL A 300 0.34 4.41 -12.04
C VAL A 300 0.53 5.04 -13.42
N ALA A 301 1.71 5.60 -13.66
CA ALA A 301 2.00 6.22 -14.95
C ALA A 301 2.89 5.26 -15.76
N ALA A 302 4.04 5.72 -16.24
CA ALA A 302 4.92 4.85 -17.01
C ALA A 302 5.44 3.65 -16.23
N ILE A 303 5.65 2.53 -16.94
CA ILE A 303 6.21 1.33 -16.34
C ILE A 303 7.30 0.86 -17.29
N LEU A 304 8.51 0.69 -16.76
CA LEU A 304 9.63 0.22 -17.57
C LEU A 304 10.14 -1.07 -16.96
N ALA A 305 11.09 -1.72 -17.64
CA ALA A 305 11.66 -2.96 -17.13
C ALA A 305 13.17 -2.83 -17.01
N SER A 306 13.70 -3.25 -15.87
CA SER A 306 15.14 -3.18 -15.62
C SER A 306 15.93 -4.19 -16.46
N HIS A 307 17.11 -3.78 -16.88
CA HIS A 307 18.00 -4.64 -17.64
C HIS A 307 19.14 -5.08 -16.71
N TYR A 308 19.18 -4.52 -15.51
CA TYR A 308 20.21 -4.85 -14.53
C TYR A 308 19.77 -5.83 -13.45
N ARG A 309 18.49 -5.81 -13.13
CA ARG A 309 17.93 -6.71 -12.13
C ARG A 309 16.57 -7.20 -12.63
N PRO A 310 16.09 -8.34 -12.12
CA PRO A 310 14.78 -8.88 -12.54
C PRO A 310 13.67 -8.07 -11.86
N GLU A 311 13.53 -6.82 -12.28
CA GLU A 311 12.57 -5.91 -11.69
C GLU A 311 11.80 -5.07 -12.70
N PHE A 312 10.61 -4.63 -12.30
CA PHE A 312 9.79 -3.72 -13.09
C PHE A 312 10.00 -2.36 -12.43
N ILE A 313 9.97 -1.30 -13.23
CA ILE A 313 10.16 0.08 -12.76
C ILE A 313 8.82 0.76 -12.90
N VAL A 314 8.18 1.05 -11.77
CA VAL A 314 6.84 1.64 -11.75
C VAL A 314 6.73 3.05 -11.20
N ASN A 315 6.25 3.98 -12.03
CA ASN A 315 6.04 5.36 -11.61
C ASN A 315 4.67 5.51 -10.96
N VAL A 316 4.65 6.03 -9.73
CA VAL A 316 3.40 6.28 -9.03
C VAL A 316 3.32 7.81 -8.95
N LYS A 317 2.44 8.36 -9.77
CA LYS A 317 2.27 9.80 -9.95
C LYS A 317 2.09 10.75 -8.77
N GLU A 318 0.90 10.72 -8.16
CA GLU A 318 0.58 11.64 -7.08
C GLU A 318 1.40 11.54 -5.79
N THR A 319 1.98 10.38 -5.51
CA THR A 319 2.78 10.22 -4.30
C THR A 319 4.26 10.46 -4.55
N GLY A 320 4.64 10.53 -5.83
CA GLY A 320 6.02 10.76 -6.20
C GLY A 320 6.94 9.62 -5.81
N LYS A 321 6.48 8.39 -6.04
CA LYS A 321 7.27 7.20 -5.71
C LYS A 321 7.59 6.37 -6.94
N ILE A 322 8.82 5.91 -7.04
CA ILE A 322 9.24 5.05 -8.14
C ILE A 322 9.49 3.69 -7.48
N LEU A 323 8.75 2.68 -7.90
CA LEU A 323 8.88 1.35 -7.33
C LEU A 323 9.70 0.41 -8.20
N LEU A 324 10.63 -0.30 -7.57
CA LEU A 324 11.44 -1.30 -8.27
C LEU A 324 10.86 -2.60 -7.72
N VAL A 325 10.11 -3.30 -8.55
CA VAL A 325 9.44 -4.52 -8.15
C VAL A 325 10.16 -5.76 -8.63
N ASP A 326 10.70 -6.54 -7.69
CA ASP A 326 11.43 -7.77 -8.00
C ASP A 326 10.44 -8.90 -8.28
N TYR A 327 10.43 -9.40 -9.51
CA TYR A 327 9.50 -10.48 -9.89
C TYR A 327 10.04 -11.91 -9.79
N THR A 328 11.15 -12.11 -9.07
CA THR A 328 11.73 -13.44 -8.93
C THR A 328 10.94 -14.27 -7.92
N ASP A 329 10.16 -13.60 -7.07
CA ASP A 329 9.34 -14.26 -6.05
C ASP A 329 8.14 -13.36 -5.80
N LEU A 330 6.98 -13.77 -6.30
CA LEU A 330 5.77 -12.98 -6.14
C LEU A 330 5.05 -13.22 -4.82
N ASN A 331 5.47 -14.23 -4.07
CA ASN A 331 4.85 -14.53 -2.78
C ASN A 331 5.58 -13.78 -1.66
N ASN A 332 6.90 -13.78 -1.71
CA ASN A 332 7.74 -13.06 -0.75
C ASN A 332 8.24 -11.92 -1.63
N LEU A 333 7.36 -10.95 -1.85
CA LEU A 333 7.63 -9.83 -2.74
C LEU A 333 8.57 -8.73 -2.27
N LYS A 334 9.72 -8.62 -2.93
CA LYS A 334 10.67 -7.59 -2.60
C LYS A 334 10.45 -6.39 -3.52
N THR A 335 10.36 -5.20 -2.92
CA THR A 335 10.21 -3.97 -3.67
C THR A 335 11.07 -2.91 -3.01
N THR A 336 11.47 -1.91 -3.79
CA THR A 336 12.23 -0.77 -3.30
C THR A 336 11.34 0.41 -3.67
N GLU A 337 10.86 1.12 -2.66
CA GLU A 337 10.00 2.28 -2.84
C GLU A 337 10.87 3.53 -2.76
N ILE A 338 11.17 4.10 -3.92
CA ILE A 338 12.03 5.26 -3.98
C ILE A 338 11.33 6.61 -3.94
N SER A 339 11.64 7.41 -2.92
CA SER A 339 11.10 8.76 -2.81
C SER A 339 11.74 9.58 -3.93
N ALA A 340 10.92 10.14 -4.81
CA ALA A 340 11.42 10.89 -5.94
C ALA A 340 10.88 12.32 -5.96
N GLU A 341 9.88 12.55 -6.81
CA GLU A 341 9.24 13.86 -6.93
C GLU A 341 7.81 13.61 -7.39
N ARG A 342 6.87 14.42 -6.92
CA ARG A 342 5.48 14.23 -7.31
C ARG A 342 5.21 14.56 -8.78
N PHE A 343 4.20 13.90 -9.32
CA PHE A 343 3.76 14.06 -10.70
C PHE A 343 4.62 13.38 -11.75
N LEU A 344 5.18 12.23 -11.35
CA LEU A 344 5.97 11.41 -12.25
C LEU A 344 5.03 10.98 -13.36
N HIS A 345 5.51 10.98 -14.59
CA HIS A 345 4.69 10.54 -15.70
C HIS A 345 5.46 9.57 -16.57
N ASP A 346 6.11 10.09 -17.60
CA ASP A 346 6.88 9.27 -18.53
C ASP A 346 8.38 9.37 -18.34
N GLY A 347 9.11 8.49 -19.03
CA GLY A 347 10.55 8.50 -18.92
C GLY A 347 11.19 7.36 -19.68
N GLY A 348 12.50 7.27 -19.58
CA GLY A 348 13.21 6.21 -20.28
C GLY A 348 14.56 5.93 -19.65
N LEU A 349 15.19 4.85 -20.08
CA LEU A 349 16.51 4.48 -19.59
C LEU A 349 17.53 5.21 -20.45
N ASP A 350 18.72 5.43 -19.91
CA ASP A 350 19.77 6.08 -20.68
C ASP A 350 20.32 5.05 -21.68
N GLY A 351 21.31 5.45 -22.48
CA GLY A 351 21.90 4.54 -23.47
C GLY A 351 22.46 3.24 -22.89
N SER A 352 23.03 3.30 -21.69
CA SER A 352 23.59 2.09 -21.06
C SER A 352 22.52 1.19 -20.46
N HIS A 353 21.28 1.69 -20.41
CA HIS A 353 20.15 0.97 -19.85
C HIS A 353 20.26 0.75 -18.34
N ARG A 354 21.10 1.55 -17.68
CA ARG A 354 21.28 1.43 -16.24
C ARG A 354 20.49 2.47 -15.43
N TYR A 355 20.34 3.67 -15.98
CA TYR A 355 19.66 4.75 -15.29
C TYR A 355 18.30 5.08 -15.89
N PHE A 356 17.29 5.19 -15.04
CA PHE A 356 15.94 5.54 -15.44
C PHE A 356 15.80 7.06 -15.21
N ILE A 357 15.46 7.78 -16.27
CA ILE A 357 15.32 9.24 -16.23
C ILE A 357 13.84 9.50 -16.51
N THR A 358 13.16 10.12 -15.55
CA THR A 358 11.74 10.35 -15.69
C THR A 358 11.29 11.78 -15.34
N ALA A 359 10.26 12.24 -16.04
CA ALA A 359 9.73 13.58 -15.82
C ALA A 359 8.66 13.67 -14.74
N ALA A 360 8.88 14.56 -13.77
CA ALA A 360 7.90 14.86 -12.73
C ALA A 360 7.39 16.12 -13.43
N ASN A 361 6.55 15.93 -14.45
CA ASN A 361 6.10 17.03 -15.30
C ASN A 361 5.56 18.32 -14.71
N ALA A 362 4.61 18.23 -13.77
CA ALA A 362 4.03 19.43 -13.19
C ALA A 362 5.03 20.24 -12.37
N ARG A 363 6.13 19.61 -11.98
CA ARG A 363 7.16 20.27 -11.20
C ARG A 363 8.41 20.61 -12.00
N ASN A 364 8.36 20.38 -13.31
CA ASN A 364 9.46 20.69 -14.24
C ASN A 364 10.78 20.02 -13.89
N LYS A 365 10.71 18.83 -13.32
CA LYS A 365 11.93 18.12 -12.90
C LYS A 365 12.16 16.80 -13.62
N LEU A 366 13.43 16.40 -13.68
CA LEU A 366 13.84 15.12 -14.22
C LEU A 366 14.41 14.38 -13.02
N VAL A 367 13.92 13.17 -12.79
CA VAL A 367 14.37 12.33 -11.69
C VAL A 367 15.21 11.21 -12.30
N VAL A 368 16.37 10.96 -11.71
CA VAL A 368 17.25 9.89 -12.20
C VAL A 368 17.42 8.81 -11.14
N ILE A 369 17.18 7.56 -11.54
CA ILE A 369 17.30 6.42 -10.65
C ILE A 369 18.35 5.47 -11.19
N ASP A 370 19.21 4.96 -10.31
CA ASP A 370 20.23 3.99 -10.69
C ASP A 370 19.52 2.64 -10.48
N THR A 371 19.26 1.92 -11.56
CA THR A 371 18.58 0.63 -11.45
C THR A 371 19.48 -0.50 -10.96
N LYS A 372 20.79 -0.31 -11.02
CA LYS A 372 21.72 -1.33 -10.54
C LYS A 372 21.77 -1.31 -9.02
N GLU A 373 21.91 -0.11 -8.46
CA GLU A 373 22.00 0.05 -7.02
C GLU A 373 20.64 0.22 -6.36
N GLY A 374 19.64 0.56 -7.17
CA GLY A 374 18.29 0.74 -6.67
C GLY A 374 18.14 1.97 -5.78
N LYS A 375 18.64 3.12 -6.25
CA LYS A 375 18.55 4.34 -5.47
C LYS A 375 18.42 5.58 -6.34
N LEU A 376 17.89 6.63 -5.73
CA LEU A 376 17.73 7.94 -6.39
C LEU A 376 19.13 8.49 -6.58
N VAL A 377 19.39 9.04 -7.75
CA VAL A 377 20.69 9.62 -8.07
C VAL A 377 20.64 11.14 -8.16
N ALA A 378 19.60 11.68 -8.77
CA ALA A 378 19.49 13.13 -8.93
C ALA A 378 18.08 13.58 -9.29
N ILE A 379 17.81 14.85 -9.05
CA ILE A 379 16.55 15.50 -9.40
C ILE A 379 16.99 16.88 -9.85
N GLU A 380 16.69 17.22 -11.10
CA GLU A 380 17.09 18.50 -11.67
C GLU A 380 15.98 19.18 -12.46
N ASP A 381 15.88 20.50 -12.30
CA ASP A 381 14.88 21.28 -13.01
C ASP A 381 15.39 21.46 -14.43
N THR A 382 14.51 21.25 -15.42
CA THR A 382 14.92 21.38 -16.83
C THR A 382 15.01 22.81 -17.31
N GLY A 383 14.42 23.74 -16.56
CA GLY A 383 14.41 25.13 -16.95
C GLY A 383 13.26 25.38 -17.92
N GLY A 384 12.51 24.32 -18.23
CA GLY A 384 11.40 24.45 -19.14
C GLY A 384 10.10 24.17 -18.42
N GLN A 385 8.99 24.35 -19.12
CA GLN A 385 7.67 24.13 -18.54
C GLN A 385 7.05 22.82 -19.01
N THR A 386 6.81 21.92 -18.06
CA THR A 386 6.17 20.63 -18.30
C THR A 386 6.91 19.69 -19.26
N PRO A 387 8.06 19.16 -18.83
CA PRO A 387 8.80 18.25 -19.72
C PRO A 387 7.95 17.00 -20.00
N HIS A 388 7.96 16.55 -21.25
CA HIS A 388 7.21 15.37 -21.66
C HIS A 388 8.12 14.65 -22.65
N PRO A 389 9.00 13.77 -22.13
CA PRO A 389 9.93 13.03 -22.98
C PRO A 389 9.44 11.83 -23.73
N GLY A 390 8.36 11.22 -23.28
CA GLY A 390 7.96 9.95 -23.87
C GLY A 390 9.06 9.11 -23.24
N ARG A 391 9.77 8.29 -24.01
CA ARG A 391 10.87 7.52 -23.45
C ARG A 391 12.17 8.35 -23.61
N GLY A 392 12.06 9.50 -24.25
CA GLY A 392 13.21 10.38 -24.43
C GLY A 392 14.10 10.05 -25.60
N ALA A 393 15.23 10.76 -25.70
CA ALA A 393 16.16 10.53 -26.79
C ALA A 393 17.60 10.52 -26.30
N ASN A 394 18.25 9.37 -26.42
CA ASN A 394 19.65 9.21 -26.00
C ASN A 394 20.56 9.37 -27.21
N PHE A 395 21.61 10.17 -27.06
CA PHE A 395 22.58 10.35 -28.12
C PHE A 395 23.91 10.85 -27.55
N VAL A 396 24.96 10.75 -28.35
CA VAL A 396 26.27 11.19 -27.91
C VAL A 396 26.46 12.59 -28.45
N HIS A 397 26.44 13.57 -27.55
CA HIS A 397 26.62 14.97 -27.92
C HIS A 397 28.12 15.13 -28.20
N PRO A 398 28.50 15.74 -29.34
CA PRO A 398 29.89 15.98 -29.72
C PRO A 398 30.79 16.57 -28.63
N THR A 399 30.24 17.40 -27.77
CA THR A 399 31.01 18.04 -26.70
C THR A 399 30.72 17.47 -25.31
N PHE A 400 29.45 17.31 -25.01
CA PHE A 400 29.01 16.83 -23.70
C PHE A 400 29.15 15.34 -23.44
N GLY A 401 29.20 14.54 -24.51
CA GLY A 401 29.29 13.11 -24.36
C GLY A 401 27.87 12.54 -24.30
N PRO A 402 27.67 11.33 -23.75
CA PRO A 402 26.33 10.75 -23.67
C PRO A 402 25.31 11.64 -22.95
N VAL A 403 24.17 11.89 -23.59
CA VAL A 403 23.10 12.70 -23.01
C VAL A 403 21.74 12.10 -23.37
N TRP A 404 20.72 12.52 -22.63
CA TRP A 404 19.35 12.10 -22.86
C TRP A 404 18.60 13.42 -22.98
N ALA A 405 17.70 13.51 -23.96
CA ALA A 405 16.95 14.73 -24.20
C ALA A 405 15.44 14.61 -24.03
N THR A 406 14.82 15.75 -23.75
CA THR A 406 13.37 15.83 -23.61
C THR A 406 12.90 17.19 -24.11
N SER A 407 11.71 17.22 -24.68
CA SER A 407 11.12 18.48 -25.11
C SER A 407 10.02 18.74 -24.08
N HIS A 408 9.27 19.82 -24.27
CA HIS A 408 8.26 20.21 -23.30
C HIS A 408 6.90 20.54 -23.89
N MET A 409 5.86 20.31 -23.10
CA MET A 409 4.50 20.62 -23.53
C MET A 409 4.23 22.10 -23.29
N GLY A 410 4.83 22.64 -22.23
CA GLY A 410 4.62 24.02 -21.84
C GLY A 410 5.35 25.12 -22.58
N ASP A 411 6.44 24.78 -23.25
CA ASP A 411 7.19 25.76 -24.02
C ASP A 411 7.92 25.06 -25.17
N ASP A 412 8.71 25.81 -25.92
CA ASP A 412 9.44 25.26 -27.06
C ASP A 412 10.82 24.70 -26.75
N SER A 413 11.20 24.62 -25.48
CA SER A 413 12.53 24.16 -25.12
C SER A 413 12.81 22.67 -25.19
N VAL A 414 14.08 22.37 -25.46
CA VAL A 414 14.60 21.02 -25.53
C VAL A 414 15.75 21.05 -24.51
N ALA A 415 15.75 20.11 -23.57
CA ALA A 415 16.78 20.08 -22.54
C ALA A 415 17.58 18.79 -22.62
N LEU A 416 18.89 18.91 -22.41
CA LEU A 416 19.81 17.78 -22.45
C LEU A 416 20.39 17.55 -21.05
N ILE A 417 20.45 16.30 -20.62
CA ILE A 417 21.04 15.96 -19.32
C ILE A 417 22.17 14.94 -19.55
N GLY A 418 23.29 15.13 -18.85
CA GLY A 418 24.42 14.23 -18.99
C GLY A 418 24.10 12.88 -18.37
N THR A 419 24.48 11.80 -19.02
CA THR A 419 24.15 10.47 -18.50
C THR A 419 25.36 9.53 -18.34
N ASP A 420 26.55 10.09 -18.20
CA ASP A 420 27.75 9.26 -18.09
C ASP A 420 28.63 9.61 -16.90
N PRO A 421 28.24 9.16 -15.69
CA PRO A 421 29.03 9.44 -14.48
C PRO A 421 30.48 8.94 -14.50
N GLU A 422 30.75 7.86 -15.22
CA GLU A 422 32.11 7.34 -15.27
C GLU A 422 33.02 8.07 -16.26
N GLY A 423 32.53 8.32 -17.48
CA GLY A 423 33.33 8.98 -18.49
C GLY A 423 33.27 10.49 -18.55
N HIS A 424 32.15 11.05 -18.10
CA HIS A 424 31.97 12.49 -18.11
C HIS A 424 31.34 12.89 -16.76
N PRO A 425 32.08 12.67 -15.66
CA PRO A 425 31.62 12.99 -14.30
C PRO A 425 31.12 14.41 -14.10
N ASP A 426 31.79 15.39 -14.67
CA ASP A 426 31.38 16.79 -14.50
C ASP A 426 30.04 17.13 -15.17
N ASN A 427 29.66 16.35 -16.17
CA ASN A 427 28.40 16.60 -16.88
C ASN A 427 27.26 15.70 -16.42
N ALA A 428 27.58 14.66 -15.65
CA ALA A 428 26.57 13.70 -15.22
C ALA A 428 25.42 14.26 -14.38
N TRP A 429 24.21 13.97 -14.83
CA TRP A 429 22.98 14.38 -14.16
C TRP A 429 22.79 15.89 -14.02
N LYS A 430 23.39 16.64 -14.94
CA LYS A 430 23.27 18.09 -14.95
C LYS A 430 22.64 18.51 -16.28
N ILE A 431 21.79 19.52 -16.23
CA ILE A 431 21.16 20.04 -17.45
C ILE A 431 22.30 20.79 -18.14
N LEU A 432 22.73 20.27 -19.28
CA LEU A 432 23.85 20.86 -20.01
C LEU A 432 23.50 21.92 -21.04
N ASP A 433 22.27 21.88 -21.54
CA ASP A 433 21.84 22.85 -22.54
C ASP A 433 20.31 22.88 -22.62
N SER A 434 19.80 23.97 -23.16
CA SER A 434 18.37 24.16 -23.33
C SER A 434 18.27 25.08 -24.54
N PHE A 435 17.49 24.66 -25.53
CA PHE A 435 17.30 25.44 -26.77
C PHE A 435 15.90 25.24 -27.35
N PRO A 436 15.40 26.24 -28.10
CA PRO A 436 14.07 26.14 -28.69
C PRO A 436 13.92 25.27 -29.95
N ALA A 437 12.74 24.69 -30.08
CA ALA A 437 12.39 23.88 -31.23
C ALA A 437 11.26 24.67 -31.90
N LEU A 438 10.28 23.98 -32.49
CA LEU A 438 9.19 24.65 -33.20
C LEU A 438 8.29 25.57 -32.38
N GLY A 439 7.86 25.09 -31.21
CA GLY A 439 6.98 25.86 -30.37
C GLY A 439 6.49 24.99 -29.23
N GLY A 440 5.58 25.51 -28.42
CA GLY A 440 5.05 24.72 -27.32
C GLY A 440 4.13 23.61 -27.81
N GLY A 441 3.73 22.74 -26.90
CA GLY A 441 2.85 21.65 -27.28
C GLY A 441 3.55 20.39 -27.75
N SER A 442 4.86 20.31 -27.51
CA SER A 442 5.62 19.13 -27.90
C SER A 442 5.31 17.93 -27.00
N LEU A 443 5.28 16.75 -27.60
CA LEU A 443 5.02 15.52 -26.85
C LEU A 443 6.16 14.49 -26.99
N PHE A 444 6.78 14.41 -28.16
CA PHE A 444 7.83 13.41 -28.36
C PHE A 444 9.09 13.88 -29.06
N ILE A 445 10.22 13.44 -28.53
CA ILE A 445 11.54 13.73 -29.07
C ILE A 445 12.11 12.37 -29.49
N LYS A 446 12.83 12.31 -30.61
CA LYS A 446 13.32 11.02 -31.05
C LYS A 446 14.63 11.03 -31.82
N THR A 447 15.39 9.95 -31.65
CA THR A 447 16.64 9.75 -32.36
C THR A 447 16.92 8.24 -32.35
N HIS A 448 18.03 7.83 -32.95
CA HIS A 448 18.40 6.42 -33.00
C HIS A 448 19.91 6.41 -33.16
N PRO A 449 20.59 5.38 -32.64
CA PRO A 449 22.05 5.28 -32.75
C PRO A 449 22.62 5.49 -34.16
N ASN A 450 21.90 5.01 -35.18
CA ASN A 450 22.37 5.15 -36.57
C ASN A 450 22.03 6.49 -37.23
N SER A 451 21.30 7.32 -36.51
CA SER A 451 20.92 8.63 -37.02
C SER A 451 21.74 9.78 -36.43
N GLN A 452 21.93 10.83 -37.22
CA GLN A 452 22.65 12.02 -36.74
C GLN A 452 21.63 13.12 -36.41
N TYR A 453 20.35 12.78 -36.45
CA TYR A 453 19.28 13.77 -36.22
C TYR A 453 18.42 13.60 -34.98
N LEU A 454 17.97 14.72 -34.45
CA LEU A 454 17.12 14.77 -33.28
C LEU A 454 15.79 15.37 -33.74
N TYR A 455 14.73 14.57 -33.68
CA TYR A 455 13.39 14.99 -34.11
C TYR A 455 12.51 15.41 -32.95
N VAL A 456 11.80 16.52 -33.12
CA VAL A 456 10.91 17.03 -32.06
C VAL A 456 9.58 17.49 -32.64
N ASP A 457 8.49 16.91 -32.18
CA ASP A 457 7.17 17.33 -32.68
C ASP A 457 6.62 18.50 -31.85
N ALA A 458 5.42 18.96 -32.21
CA ALA A 458 4.75 20.08 -31.54
C ALA A 458 3.26 19.83 -31.66
N THR A 459 2.88 18.58 -31.41
CA THR A 459 1.50 18.09 -31.51
C THR A 459 0.37 18.99 -30.97
N LEU A 460 0.53 19.48 -29.74
CA LEU A 460 -0.51 20.28 -29.11
C LEU A 460 -0.45 21.78 -29.36
N ASN A 461 0.45 22.22 -30.24
CA ASN A 461 0.56 23.65 -30.53
C ASN A 461 -0.75 24.14 -31.14
N PRO A 462 -1.23 25.31 -30.73
CA PRO A 462 -2.49 25.87 -31.25
C PRO A 462 -2.43 26.29 -32.72
N GLU A 463 -1.23 26.53 -33.24
CA GLU A 463 -1.07 26.93 -34.63
C GLU A 463 -0.97 25.70 -35.53
N ALA A 464 -1.93 25.55 -36.44
CA ALA A 464 -1.98 24.41 -37.35
C ALA A 464 -0.65 24.14 -38.07
N GLU A 465 -0.03 25.20 -38.57
CA GLU A 465 1.24 25.11 -39.28
C GLU A 465 2.29 24.43 -38.41
N ILE A 466 2.34 24.81 -37.13
CA ILE A 466 3.31 24.24 -36.21
C ILE A 466 2.99 22.81 -35.76
N SER A 467 1.73 22.57 -35.39
CA SER A 467 1.32 21.24 -34.96
C SER A 467 1.44 20.19 -36.07
N GLY A 468 1.46 20.66 -37.32
CA GLY A 468 1.59 19.74 -38.44
C GLY A 468 3.02 19.58 -38.92
N SER A 469 3.98 20.15 -38.19
CA SER A 469 5.39 20.07 -38.58
C SER A 469 6.26 19.46 -37.47
N VAL A 470 7.52 19.20 -37.84
CA VAL A 470 8.50 18.62 -36.91
C VAL A 470 9.84 19.33 -37.06
N ALA A 471 10.50 19.59 -35.93
CA ALA A 471 11.82 20.22 -35.92
C ALA A 471 12.88 19.12 -35.91
N VAL A 472 13.94 19.33 -36.68
CA VAL A 472 15.03 18.35 -36.76
C VAL A 472 16.38 19.04 -36.57
N PHE A 473 17.09 18.64 -35.52
CA PHE A 473 18.41 19.17 -35.20
C PHE A 473 19.50 18.21 -35.66
N ASP A 474 20.61 18.77 -36.12
CA ASP A 474 21.75 17.98 -36.56
C ASP A 474 22.66 17.81 -35.36
N ILE A 475 22.66 16.61 -34.77
CA ILE A 475 23.48 16.31 -33.61
C ILE A 475 24.97 16.54 -33.88
N LYS A 476 25.43 16.16 -35.07
CA LYS A 476 26.84 16.33 -35.42
C LYS A 476 27.31 17.77 -35.36
N ALA A 477 26.43 18.70 -35.68
CA ALA A 477 26.76 20.12 -35.66
C ALA A 477 26.64 20.78 -34.28
N MET A 478 26.14 20.05 -33.29
CA MET A 478 26.01 20.61 -31.95
C MET A 478 27.37 20.85 -31.28
N THR A 479 27.58 22.08 -30.81
CA THR A 479 28.82 22.44 -30.16
C THR A 479 28.64 22.59 -28.64
N GLY A 480 27.42 22.89 -28.22
CA GLY A 480 27.15 23.07 -26.81
C GLY A 480 27.76 24.38 -26.33
N ASP A 481 27.97 25.32 -27.25
CA ASP A 481 28.56 26.62 -26.93
C ASP A 481 27.60 27.63 -26.31
N GLY A 482 26.35 27.24 -26.11
CA GLY A 482 25.38 28.15 -25.53
C GLY A 482 24.45 28.83 -26.52
N SER A 483 24.78 28.77 -27.80
CA SER A 483 23.92 29.37 -28.80
C SER A 483 22.80 28.39 -29.12
N ASP A 484 21.77 28.84 -29.82
CA ASP A 484 20.67 27.97 -30.17
C ASP A 484 20.95 27.23 -31.47
N PRO A 485 21.06 25.90 -31.41
CA PRO A 485 21.31 25.15 -32.64
C PRO A 485 20.16 25.32 -33.62
N GLU A 486 20.49 25.42 -34.91
CA GLU A 486 19.48 25.59 -35.93
C GLU A 486 18.76 24.27 -36.14
N PHE A 487 17.55 24.35 -36.67
CA PHE A 487 16.78 23.16 -36.97
C PHE A 487 16.06 23.31 -38.29
N LYS A 488 15.87 22.18 -38.96
CA LYS A 488 15.17 22.14 -40.23
C LYS A 488 13.73 21.79 -39.84
N THR A 489 12.75 22.41 -40.51
CA THR A 489 11.34 22.14 -40.24
C THR A 489 10.78 21.26 -41.33
N LEU A 490 10.33 20.06 -40.96
CA LEU A 490 9.73 19.15 -41.94
C LEU A 490 8.22 19.34 -41.91
N PRO A 491 7.62 19.71 -43.07
CA PRO A 491 6.17 19.92 -43.11
C PRO A 491 5.46 18.58 -43.28
N ILE A 492 5.53 17.76 -42.23
CA ILE A 492 4.94 16.42 -42.24
C ILE A 492 3.49 16.34 -42.70
N ALA A 493 2.62 17.14 -42.09
CA ALA A 493 1.20 17.14 -42.47
C ALA A 493 1.03 17.51 -43.93
N GLU A 494 1.78 18.50 -44.39
CA GLU A 494 1.71 18.95 -45.78
C GLU A 494 2.11 17.79 -46.71
N TRP A 495 3.15 17.07 -46.33
CA TRP A 495 3.63 15.92 -47.10
C TRP A 495 2.55 14.85 -47.22
N ALA A 496 1.72 14.74 -46.20
CA ALA A 496 0.62 13.76 -46.17
C ALA A 496 -0.53 14.15 -47.09
N GLY A 497 -0.59 15.43 -47.47
CA GLY A 497 -1.63 15.90 -48.36
C GLY A 497 -3.05 15.71 -47.87
N ILE A 498 -3.35 16.27 -46.70
CA ILE A 498 -4.70 16.13 -46.14
C ILE A 498 -5.44 17.46 -46.19
N THR A 499 -6.61 17.49 -46.85
CA THR A 499 -7.40 18.69 -47.03
C THR A 499 -8.15 19.22 -45.82
N GLU A 500 -9.04 18.41 -45.26
CA GLU A 500 -9.86 18.83 -44.14
C GLU A 500 -9.16 18.84 -42.78
N GLY A 501 -9.69 19.68 -41.90
CA GLY A 501 -9.16 19.79 -40.55
C GLY A 501 -7.75 20.34 -40.42
N GLN A 502 -7.23 20.23 -39.22
CA GLN A 502 -5.88 20.66 -38.88
C GLN A 502 -5.26 19.44 -38.20
N PRO A 503 -4.90 18.43 -39.01
CA PRO A 503 -4.31 17.21 -38.44
C PRO A 503 -3.06 17.50 -37.62
N ARG A 504 -2.87 16.74 -36.55
CA ARG A 504 -1.70 16.95 -35.70
C ARG A 504 -0.69 15.84 -35.88
N VAL A 505 0.57 16.23 -36.08
CA VAL A 505 1.65 15.27 -36.25
C VAL A 505 2.14 14.84 -34.87
N VAL A 506 2.32 13.53 -34.68
CA VAL A 506 2.72 13.04 -33.38
C VAL A 506 3.60 11.78 -33.40
N GLN A 507 4.58 11.78 -32.49
CA GLN A 507 5.47 10.67 -32.22
C GLN A 507 6.34 10.04 -33.30
N GLY A 508 7.61 10.36 -33.31
CA GLY A 508 8.51 9.76 -34.27
C GLY A 508 8.86 8.37 -33.76
N GLU A 509 9.00 7.40 -34.67
CA GLU A 509 9.38 6.02 -34.31
C GLU A 509 10.21 5.49 -35.48
N PHE A 510 11.41 4.99 -35.17
CA PHE A 510 12.32 4.46 -36.19
C PHE A 510 12.08 2.99 -36.51
N ASN A 511 12.52 2.58 -37.71
CA ASN A 511 12.44 1.18 -38.11
C ASN A 511 13.62 0.49 -37.40
N LYS A 512 13.71 -0.83 -37.55
CA LYS A 512 14.78 -1.60 -36.90
C LYS A 512 16.20 -1.13 -37.26
N ASP A 513 16.43 -0.80 -38.53
CA ASP A 513 17.74 -0.35 -38.98
C ASP A 513 18.07 1.08 -38.57
N GLY A 514 17.08 1.82 -38.10
CA GLY A 514 17.31 3.21 -37.72
C GLY A 514 17.62 4.08 -38.91
N THR A 515 17.03 3.74 -40.06
CA THR A 515 17.23 4.47 -41.31
C THR A 515 16.01 5.28 -41.76
N GLU A 516 14.86 4.98 -41.18
CA GLU A 516 13.62 5.68 -41.51
C GLU A 516 12.86 5.97 -40.23
N VAL A 517 12.20 7.13 -40.19
CA VAL A 517 11.42 7.54 -39.02
C VAL A 517 9.98 7.82 -39.43
N TRP A 518 9.03 7.24 -38.69
CA TRP A 518 7.61 7.40 -38.97
C TRP A 518 6.93 8.40 -38.06
N PHE A 519 5.92 9.08 -38.58
CA PHE A 519 5.13 10.04 -37.81
C PHE A 519 3.67 9.81 -38.13
N SER A 520 2.82 10.04 -37.14
CA SER A 520 1.40 9.90 -37.35
C SER A 520 0.82 11.27 -37.67
N VAL A 521 -0.05 11.33 -38.67
CA VAL A 521 -0.72 12.57 -39.05
C VAL A 521 -2.13 12.27 -38.60
N TRP A 522 -2.36 12.64 -37.34
CA TRP A 522 -3.58 12.40 -36.59
C TRP A 522 -4.73 13.36 -36.78
N ASN A 523 -5.77 12.88 -37.45
CA ASN A 523 -6.98 13.66 -37.70
C ASN A 523 -8.15 12.97 -37.01
N GLY A 524 -9.30 13.62 -37.04
CA GLY A 524 -10.48 13.08 -36.42
C GLY A 524 -10.92 11.74 -37.01
N LYS A 525 -11.76 11.05 -36.29
CA LYS A 525 -12.32 9.76 -36.71
C LYS A 525 -13.05 9.78 -38.04
N ASP A 526 -13.79 10.85 -38.30
CA ASP A 526 -14.53 10.93 -39.54
C ASP A 526 -13.77 11.76 -40.58
N GLN A 527 -12.46 11.91 -40.34
CA GLN A 527 -11.61 12.68 -41.25
C GLN A 527 -10.47 11.82 -41.74
N GLU A 528 -9.71 12.34 -42.69
CA GLU A 528 -8.59 11.61 -43.29
C GLU A 528 -7.29 11.76 -42.48
N SER A 529 -6.64 10.63 -42.23
CA SER A 529 -5.36 10.59 -41.50
C SER A 529 -4.31 9.89 -42.36
N ALA A 530 -3.08 9.83 -41.85
CA ALA A 530 -1.99 9.19 -42.57
C ALA A 530 -0.79 8.97 -41.67
N LEU A 531 0.15 8.17 -42.17
CA LEU A 531 1.42 7.94 -41.48
C LEU A 531 2.41 8.46 -42.52
N VAL A 532 3.42 9.19 -42.07
CA VAL A 532 4.44 9.71 -42.98
C VAL A 532 5.78 9.12 -42.61
N VAL A 533 6.43 8.49 -43.58
CA VAL A 533 7.73 7.88 -43.39
C VAL A 533 8.78 8.82 -43.97
N VAL A 534 9.77 9.16 -43.15
CA VAL A 534 10.85 10.06 -43.53
C VAL A 534 12.18 9.32 -43.67
N ASP A 535 12.90 9.60 -44.75
CA ASP A 535 14.22 9.01 -45.00
C ASP A 535 15.15 9.75 -44.03
N ASP A 536 15.68 9.06 -43.03
CA ASP A 536 16.54 9.69 -42.04
C ASP A 536 17.82 10.30 -42.57
N LYS A 537 18.48 9.64 -43.52
CA LYS A 537 19.73 10.15 -44.08
C LYS A 537 19.58 11.48 -44.81
N THR A 538 18.50 11.64 -45.57
CA THR A 538 18.26 12.84 -46.37
C THR A 538 17.25 13.84 -45.82
N LEU A 539 16.41 13.40 -44.88
CA LEU A 539 15.37 14.22 -44.30
C LEU A 539 14.32 14.56 -45.36
N GLU A 540 14.18 13.68 -46.33
CA GLU A 540 13.19 13.85 -47.39
C GLU A 540 12.06 12.84 -47.21
N LEU A 541 10.91 13.14 -47.78
CA LEU A 541 9.74 12.27 -47.71
C LEU A 541 10.04 10.93 -48.38
N LYS A 542 9.76 9.84 -47.67
CA LYS A 542 10.00 8.50 -48.20
C LYS A 542 8.70 7.83 -48.63
N HIS A 543 7.66 7.93 -47.81
CA HIS A 543 6.39 7.29 -48.15
C HIS A 543 5.25 7.84 -47.31
N VAL A 544 4.05 7.83 -47.89
CA VAL A 544 2.85 8.30 -47.21
C VAL A 544 1.93 7.08 -47.14
N ILE A 545 1.54 6.71 -45.93
CA ILE A 545 0.67 5.58 -45.71
C ILE A 545 -0.77 6.03 -45.48
N LYS A 546 -1.66 5.63 -46.37
CA LYS A 546 -3.08 5.95 -46.26
C LYS A 546 -3.86 4.70 -46.60
N ASP A 547 -4.93 4.45 -45.85
CA ASP A 547 -5.76 3.28 -46.05
C ASP A 547 -7.07 3.59 -45.33
N GLU A 548 -8.20 3.17 -45.90
CA GLU A 548 -9.49 3.41 -45.26
C GLU A 548 -9.55 2.89 -43.83
N ARG A 549 -8.76 1.86 -43.54
CA ARG A 549 -8.70 1.25 -42.22
C ARG A 549 -7.85 2.05 -41.24
N LEU A 550 -6.98 2.92 -41.75
CA LEU A 550 -6.11 3.72 -40.90
C LEU A 550 -6.88 4.88 -40.25
N VAL A 551 -7.73 4.55 -39.30
CA VAL A 551 -8.54 5.55 -38.59
C VAL A 551 -7.83 6.03 -37.33
N THR A 552 -7.70 7.35 -37.19
CA THR A 552 -7.05 8.00 -36.05
C THR A 552 -5.75 7.34 -35.57
N PRO A 553 -4.74 7.27 -36.45
CA PRO A 553 -3.46 6.66 -36.07
C PRO A 553 -2.73 7.54 -35.06
N THR A 554 -2.27 6.93 -33.98
CA THR A 554 -1.55 7.67 -32.96
C THR A 554 -0.23 6.97 -32.67
N GLY A 555 -0.15 6.19 -31.58
CA GLY A 555 1.08 5.50 -31.27
C GLY A 555 1.54 4.46 -32.28
N LYS A 556 2.85 4.43 -32.53
CA LYS A 556 3.50 3.49 -33.45
C LYS A 556 4.68 2.90 -32.71
N PHE A 557 4.82 1.57 -32.77
CA PHE A 557 5.92 0.92 -32.07
C PHE A 557 6.58 -0.18 -32.89
N ASN A 558 7.83 0.06 -33.27
CA ASN A 558 8.61 -0.91 -34.03
C ASN A 558 8.96 -2.05 -33.08
N VAL A 559 8.71 -3.29 -33.51
CA VAL A 559 8.98 -4.44 -32.66
C VAL A 559 10.40 -4.47 -32.07
N TYR A 560 11.42 -4.35 -32.91
CA TYR A 560 12.78 -4.41 -32.40
C TYR A 560 13.16 -3.28 -31.42
N ASN A 561 12.84 -2.05 -31.79
CA ASN A 561 13.19 -0.92 -30.95
C ASN A 561 12.46 -0.91 -29.61
N THR A 562 11.29 -1.52 -29.59
CA THR A 562 10.49 -1.59 -28.37
C THR A 562 10.97 -2.74 -27.49
N MET A 563 11.22 -3.90 -28.09
CA MET A 563 11.68 -5.05 -27.31
C MET A 563 13.06 -4.84 -26.70
N THR A 564 13.89 -4.03 -27.38
CA THR A 564 15.25 -3.76 -26.89
C THR A 564 15.43 -2.42 -26.21
N ASP A 565 14.38 -1.61 -26.18
CA ASP A 565 14.45 -0.27 -25.57
C ASP A 565 15.52 0.58 -26.25
N THR A 566 15.47 0.61 -27.58
CA THR A 566 16.42 1.39 -28.36
C THR A 566 15.82 2.77 -28.69
N TYR A 567 16.26 3.77 -27.94
CA TYR A 567 15.82 5.16 -28.11
C TYR A 567 16.86 6.07 -27.47
N ASP B 9 -32.97 -14.68 8.00
CA ASP B 9 -33.73 -14.78 9.27
C ASP B 9 -32.92 -14.08 10.37
N PRO B 10 -33.50 -13.04 11.00
CA PRO B 10 -32.83 -12.30 12.06
C PRO B 10 -32.50 -13.12 13.31
N ALA B 11 -33.19 -14.25 13.49
CA ALA B 11 -32.94 -15.11 14.65
C ALA B 11 -31.54 -15.70 14.61
N ALA B 12 -30.90 -15.61 13.44
CA ALA B 12 -29.54 -16.11 13.26
C ALA B 12 -28.54 -15.39 14.17
N ALA B 13 -28.95 -14.24 14.71
CA ALA B 13 -28.09 -13.47 15.60
C ALA B 13 -27.74 -14.25 16.86
N LEU B 14 -28.64 -15.15 17.26
CA LEU B 14 -28.44 -15.98 18.46
C LEU B 14 -27.11 -16.72 18.41
N GLU B 15 -26.66 -17.06 17.21
CA GLU B 15 -25.39 -17.76 17.05
C GLU B 15 -24.28 -16.82 16.58
N ASP B 16 -24.57 -16.03 15.55
CA ASP B 16 -23.60 -15.09 14.99
C ASP B 16 -23.07 -14.09 16.02
N HIS B 17 -23.96 -13.56 16.83
CA HIS B 17 -23.61 -12.57 17.85
C HIS B 17 -23.53 -13.11 19.28
N LYS B 18 -23.46 -14.42 19.43
CA LYS B 18 -23.37 -14.99 20.77
C LYS B 18 -21.96 -14.78 21.33
N THR B 19 -21.87 -14.51 22.62
CA THR B 19 -20.58 -14.32 23.25
C THR B 19 -19.94 -15.69 23.44
N ARG B 20 -18.71 -15.84 22.96
CA ARG B 20 -17.97 -17.09 23.08
C ARG B 20 -16.65 -16.76 23.78
N THR B 21 -15.94 -17.76 24.25
CA THR B 21 -14.68 -17.51 24.93
C THR B 21 -13.64 -16.94 23.97
N ASP B 22 -13.79 -17.24 22.68
CA ASP B 22 -12.84 -16.75 21.69
C ASP B 22 -13.32 -15.69 20.69
N ASN B 23 -14.31 -14.91 21.07
CA ASN B 23 -14.76 -13.84 20.18
C ASN B 23 -14.93 -12.53 20.93
N ARG B 24 -14.28 -12.44 22.09
CA ARG B 24 -14.33 -11.24 22.93
C ARG B 24 -13.09 -10.37 22.74
N TYR B 25 -12.13 -10.86 21.98
CA TYR B 25 -10.87 -10.15 21.78
C TYR B 25 -10.75 -9.33 20.47
N GLU B 26 -11.86 -8.80 19.99
CA GLU B 26 -11.83 -7.99 18.78
C GLU B 26 -11.62 -6.53 19.23
N PRO B 27 -10.97 -5.71 18.41
CA PRO B 27 -10.73 -4.30 18.79
C PRO B 27 -11.96 -3.48 19.17
N SER B 28 -11.78 -2.62 20.18
CA SER B 28 -12.80 -1.69 20.63
C SER B 28 -12.14 -0.35 20.33
N LEU B 29 -12.64 0.35 19.32
CA LEU B 29 -12.05 1.63 18.94
C LEU B 29 -12.67 2.78 19.71
N ASP B 30 -12.52 2.73 21.03
CA ASP B 30 -13.10 3.72 21.94
C ASP B 30 -12.40 5.07 21.94
N ASN B 31 -11.20 5.14 21.39
CA ASN B 31 -10.49 6.40 21.33
C ASN B 31 -11.01 7.15 20.10
N LEU B 32 -11.14 6.44 19.00
CA LEU B 32 -11.65 7.00 17.75
C LEU B 32 -13.12 7.37 17.95
N ALA B 33 -13.81 6.61 18.80
CA ALA B 33 -15.22 6.84 19.10
C ALA B 33 -15.46 8.20 19.76
N GLN B 34 -14.42 8.78 20.34
CA GLN B 34 -14.52 10.07 21.02
C GLN B 34 -14.69 11.23 20.04
N GLN B 35 -14.25 11.05 18.80
CA GLN B 35 -14.37 12.10 17.79
C GLN B 35 -15.83 12.33 17.41
N ASP B 36 -16.25 13.60 17.39
CA ASP B 36 -17.61 13.94 17.01
C ASP B 36 -17.70 13.97 15.49
N VAL B 37 -18.75 13.36 14.95
CA VAL B 37 -18.93 13.30 13.50
C VAL B 37 -20.26 13.90 13.07
N ALA B 38 -20.28 14.47 11.87
CA ALA B 38 -21.48 15.07 11.33
C ALA B 38 -22.34 13.98 10.71
N ALA B 39 -23.66 14.14 10.81
CA ALA B 39 -24.57 13.17 10.23
C ALA B 39 -24.59 13.33 8.71
N PRO B 40 -24.50 12.23 7.98
CA PRO B 40 -24.52 12.35 6.52
C PRO B 40 -25.95 12.56 6.05
N GLY B 41 -26.11 12.86 4.78
CA GLY B 41 -27.45 13.02 4.26
C GLY B 41 -28.02 11.62 4.05
N ALA B 42 -29.33 11.52 3.94
CA ALA B 42 -29.99 10.24 3.72
C ALA B 42 -30.57 10.24 2.31
N PRO B 43 -30.21 9.24 1.50
CA PRO B 43 -30.74 9.19 0.13
C PRO B 43 -32.23 8.83 0.17
N GLU B 44 -32.86 8.84 -1.00
CA GLU B 44 -34.29 8.53 -1.09
C GLU B 44 -34.55 7.12 -0.55
N GLY B 45 -35.63 6.98 0.21
CA GLY B 45 -35.98 5.68 0.76
C GLY B 45 -35.32 5.39 2.10
N VAL B 46 -34.53 6.34 2.59
CA VAL B 46 -33.84 6.20 3.86
C VAL B 46 -34.14 7.39 4.77
N THR B 47 -34.42 7.11 6.03
CA THR B 47 -34.71 8.16 6.99
C THR B 47 -33.39 8.66 7.60
N ALA B 48 -33.24 9.96 7.72
CA ALA B 48 -32.04 10.54 8.28
C ALA B 48 -32.03 10.59 9.80
N LEU B 49 -30.82 10.62 10.35
CA LEU B 49 -30.63 10.71 11.79
C LEU B 49 -30.08 12.12 12.01
N SER B 50 -30.42 12.72 13.14
CA SER B 50 -29.92 14.07 13.47
C SER B 50 -28.43 13.94 13.80
N ASP B 51 -27.77 15.08 13.99
CA ASP B 51 -26.35 15.04 14.33
C ASP B 51 -26.14 14.33 15.67
N ALA B 52 -26.98 14.63 16.65
CA ALA B 52 -26.88 14.02 17.98
C ALA B 52 -27.09 12.50 17.88
N GLN B 53 -28.16 12.08 17.20
CA GLN B 53 -28.48 10.66 17.03
C GLN B 53 -27.38 9.91 16.31
N TYR B 54 -26.88 10.49 15.21
CA TYR B 54 -25.84 9.84 14.42
C TYR B 54 -24.56 9.69 15.23
N ASN B 55 -24.20 10.74 15.97
CA ASN B 55 -23.00 10.71 16.79
C ASN B 55 -23.09 9.62 17.85
N GLU B 56 -24.28 9.49 18.44
CA GLU B 56 -24.50 8.48 19.47
C GLU B 56 -24.32 7.07 18.86
N ALA B 57 -24.91 6.84 17.70
CA ALA B 57 -24.80 5.56 17.02
C ALA B 57 -23.35 5.29 16.58
N ASN B 58 -22.68 6.35 16.14
CA ASN B 58 -21.30 6.24 15.68
C ASN B 58 -20.40 5.77 16.82
N LYS B 59 -20.58 6.36 17.99
CA LYS B 59 -19.79 6.01 19.16
C LYS B 59 -19.98 4.54 19.50
N ILE B 60 -21.22 4.09 19.50
CA ILE B 60 -21.53 2.69 19.80
C ILE B 60 -20.87 1.79 18.75
N TYR B 61 -21.01 2.17 17.49
CA TYR B 61 -20.43 1.36 16.42
C TYR B 61 -18.92 1.17 16.59
N PHE B 62 -18.20 2.27 16.79
CA PHE B 62 -16.75 2.20 16.94
C PHE B 62 -16.33 1.39 18.18
N GLU B 63 -17.09 1.54 19.25
CA GLU B 63 -16.79 0.82 20.49
C GLU B 63 -17.12 -0.66 20.49
N ARG B 64 -18.24 -1.03 19.88
CA ARG B 64 -18.70 -2.42 19.90
C ARG B 64 -18.79 -3.22 18.62
N CYS B 65 -18.81 -2.56 17.47
CA CYS B 65 -18.99 -3.28 16.22
C CYS B 65 -17.85 -3.23 15.21
N ALA B 66 -17.17 -2.09 15.17
CA ALA B 66 -16.06 -1.85 14.23
C ALA B 66 -14.92 -2.86 14.30
N GLY B 67 -14.73 -3.47 15.46
CA GLY B 67 -13.66 -4.45 15.60
C GLY B 67 -13.87 -5.61 14.64
N CYS B 68 -15.08 -6.12 14.60
CA CYS B 68 -15.40 -7.24 13.71
C CYS B 68 -15.85 -6.84 12.31
N HIS B 69 -16.55 -5.72 12.20
CA HIS B 69 -17.07 -5.29 10.90
C HIS B 69 -16.29 -4.19 10.20
N GLY B 70 -15.39 -3.55 10.93
CA GLY B 70 -14.58 -2.49 10.37
C GLY B 70 -15.16 -1.09 10.55
N VAL B 71 -14.28 -0.11 10.73
CA VAL B 71 -14.68 1.27 10.89
C VAL B 71 -15.42 1.72 9.64
N LEU B 72 -14.90 1.29 8.49
CA LEU B 72 -15.47 1.63 7.19
C LEU B 72 -16.60 0.66 6.81
N ARG B 73 -16.85 -0.33 7.67
CA ARG B 73 -17.88 -1.35 7.46
C ARG B 73 -17.66 -2.26 6.27
N LYS B 74 -16.39 -2.43 5.87
CA LYS B 74 -16.04 -3.30 4.74
C LYS B 74 -15.77 -4.73 5.17
N GLY B 75 -15.88 -5.00 6.48
CA GLY B 75 -15.67 -6.34 6.98
C GLY B 75 -14.27 -6.68 7.45
N ALA B 76 -14.22 -7.43 8.55
CA ALA B 76 -12.95 -7.90 9.13
C ALA B 76 -13.24 -9.38 9.42
N THR B 77 -13.44 -9.76 10.68
CA THR B 77 -13.78 -11.17 10.95
C THR B 77 -15.26 -11.33 10.62
N GLY B 78 -16.03 -10.25 10.82
CA GLY B 78 -17.45 -10.25 10.52
C GLY B 78 -17.62 -9.68 9.11
N LYS B 79 -18.76 -9.96 8.47
CA LYS B 79 -18.99 -9.49 7.11
C LYS B 79 -19.19 -7.98 6.95
N ALA B 80 -19.11 -7.52 5.70
CA ALA B 80 -19.29 -6.12 5.38
C ALA B 80 -20.73 -5.66 5.68
N LEU B 81 -20.89 -4.42 6.11
CA LEU B 81 -22.20 -3.87 6.44
C LEU B 81 -22.38 -2.51 5.75
N THR B 82 -21.87 -2.42 4.52
CA THR B 82 -21.97 -1.20 3.75
C THR B 82 -23.43 -0.94 3.35
N PRO B 83 -23.80 0.34 3.12
CA PRO B 83 -25.15 0.74 2.74
C PRO B 83 -25.81 -0.07 1.62
N ASP B 84 -25.03 -0.46 0.62
CA ASP B 84 -25.59 -1.25 -0.49
C ASP B 84 -26.15 -2.57 0.04
N LEU B 85 -25.44 -3.20 0.95
CA LEU B 85 -25.85 -4.47 1.55
C LEU B 85 -26.96 -4.31 2.59
N THR B 86 -26.79 -3.38 3.51
CA THR B 86 -27.80 -3.20 4.56
C THR B 86 -29.15 -2.72 4.03
N ARG B 87 -29.14 -1.85 3.01
CA ARG B 87 -30.39 -1.36 2.44
C ARG B 87 -31.19 -2.48 1.81
N ASP B 88 -30.51 -3.48 1.27
CA ASP B 88 -31.18 -4.63 0.67
C ASP B 88 -31.81 -5.45 1.79
N LEU B 89 -31.11 -5.53 2.93
CA LEU B 89 -31.61 -6.27 4.08
C LEU B 89 -32.84 -5.55 4.64
N GLY B 90 -32.76 -4.23 4.69
CA GLY B 90 -33.86 -3.41 5.19
C GLY B 90 -33.81 -3.15 6.69
N PHE B 91 -34.46 -2.06 7.09
CA PHE B 91 -34.51 -1.65 8.49
C PHE B 91 -35.09 -2.73 9.39
N ASP B 92 -36.20 -3.32 8.98
CA ASP B 92 -36.85 -4.37 9.79
C ASP B 92 -35.88 -5.50 10.15
N TYR B 93 -35.17 -6.01 9.15
CA TYR B 93 -34.21 -7.10 9.40
C TYR B 93 -33.14 -6.65 10.39
N LEU B 94 -32.51 -5.52 10.11
CA LEU B 94 -31.43 -4.98 10.95
C LEU B 94 -31.89 -4.76 12.40
N GLN B 95 -33.06 -4.16 12.54
CA GLN B 95 -33.63 -3.88 13.86
C GLN B 95 -33.81 -5.17 14.64
N SER B 96 -34.41 -6.18 14.00
CA SER B 96 -34.63 -7.47 14.64
C SER B 96 -33.33 -8.21 14.98
N PHE B 97 -32.38 -8.18 14.06
CA PHE B 97 -31.10 -8.85 14.27
C PHE B 97 -30.34 -8.23 15.43
N ILE B 98 -30.20 -6.91 15.40
CA ILE B 98 -29.46 -6.18 16.42
C ILE B 98 -30.11 -6.22 17.81
N THR B 99 -31.40 -6.56 17.85
CA THR B 99 -32.10 -6.62 19.13
C THR B 99 -31.52 -7.70 20.06
N TYR B 100 -30.98 -8.75 19.46
CA TYR B 100 -30.39 -9.86 20.22
C TYR B 100 -29.08 -9.54 20.91
N ALA B 101 -28.54 -8.35 20.65
CA ALA B 101 -27.29 -7.89 21.24
C ALA B 101 -26.11 -8.25 20.34
N SER B 102 -24.90 -8.05 20.89
CA SER B 102 -23.67 -8.35 20.16
C SER B 102 -22.67 -8.98 21.14
N PRO B 103 -21.61 -9.62 20.60
CA PRO B 103 -20.61 -10.25 21.47
C PRO B 103 -19.97 -9.30 22.47
N ALA B 104 -19.84 -9.76 23.71
CA ALA B 104 -19.23 -8.97 24.77
C ALA B 104 -17.74 -8.77 24.49
N GLY B 105 -17.20 -7.67 25.00
CA GLY B 105 -15.78 -7.39 24.82
C GLY B 105 -14.96 -8.05 25.92
N MET B 106 -13.74 -7.57 26.12
CA MET B 106 -12.86 -8.13 27.14
C MET B 106 -13.38 -7.90 28.55
N PRO B 107 -12.99 -8.77 29.50
CA PRO B 107 -13.46 -8.61 30.87
C PRO B 107 -13.01 -7.31 31.53
N ASN B 108 -13.77 -6.89 32.54
CA ASN B 108 -13.47 -5.68 33.31
C ASN B 108 -13.73 -4.36 32.62
N TRP B 109 -13.31 -4.21 31.36
CA TRP B 109 -13.51 -2.94 30.65
C TRP B 109 -14.36 -3.01 29.37
N GLY B 110 -14.48 -4.21 28.82
CA GLY B 110 -15.25 -4.39 27.59
C GLY B 110 -16.75 -4.19 27.67
N THR B 111 -17.38 -4.06 26.50
CA THR B 111 -18.82 -3.88 26.44
C THR B 111 -19.58 -5.14 26.84
N SER B 112 -20.80 -4.95 27.33
CA SER B 112 -21.69 -6.04 27.72
C SER B 112 -22.34 -6.57 26.45
N GLY B 113 -22.37 -5.72 25.42
CA GLY B 113 -22.99 -6.09 24.16
C GLY B 113 -24.50 -5.98 24.20
N GLU B 114 -25.03 -5.34 25.24
CA GLU B 114 -26.49 -5.17 25.38
C GLU B 114 -26.86 -3.76 24.92
N LEU B 115 -27.98 -3.63 24.23
CA LEU B 115 -28.44 -2.32 23.77
C LEU B 115 -29.88 -2.08 24.17
N SER B 116 -30.22 -0.82 24.40
CA SER B 116 -31.60 -0.44 24.74
C SER B 116 -32.39 -0.41 23.43
N ALA B 117 -33.72 -0.35 23.51
CA ALA B 117 -34.56 -0.29 22.33
C ALA B 117 -34.22 0.94 21.48
N GLU B 118 -33.95 2.06 22.15
CA GLU B 118 -33.60 3.30 21.49
C GLU B 118 -32.29 3.13 20.72
N GLN B 119 -31.31 2.49 21.37
CA GLN B 119 -30.01 2.27 20.75
C GLN B 119 -30.09 1.30 19.58
N VAL B 120 -30.92 0.26 19.70
CA VAL B 120 -31.08 -0.70 18.62
C VAL B 120 -31.55 0.01 17.35
N ASP B 121 -32.50 0.93 17.51
CA ASP B 121 -33.01 1.69 16.36
C ASP B 121 -31.94 2.60 15.78
N LEU B 122 -31.17 3.25 16.65
CA LEU B 122 -30.10 4.12 16.21
C LEU B 122 -29.11 3.34 15.36
N MET B 123 -28.77 2.13 15.81
CA MET B 123 -27.83 1.28 15.09
C MET B 123 -28.35 0.83 13.74
N ALA B 124 -29.61 0.40 13.69
CA ALA B 124 -30.22 -0.06 12.44
C ALA B 124 -30.22 1.09 11.43
N ASN B 125 -30.64 2.27 11.87
CA ASN B 125 -30.67 3.45 11.00
C ASN B 125 -29.25 3.84 10.57
N TYR B 126 -28.32 3.81 11.51
CA TYR B 126 -26.91 4.14 11.25
C TYR B 126 -26.34 3.26 10.14
N LEU B 127 -26.64 1.97 10.18
CA LEU B 127 -26.14 1.03 9.17
C LEU B 127 -26.69 1.30 7.76
N LEU B 128 -27.82 1.98 7.67
CA LEU B 128 -28.44 2.29 6.38
C LEU B 128 -27.86 3.56 5.77
N LEU B 129 -27.11 4.33 6.56
CA LEU B 129 -26.52 5.58 6.11
C LEU B 129 -25.08 5.38 5.62
N ASP B 130 -24.60 6.29 4.78
CA ASP B 130 -23.24 6.21 4.23
C ASP B 130 -22.23 6.78 5.20
N PRO B 131 -21.32 5.94 5.71
CA PRO B 131 -20.29 6.38 6.66
C PRO B 131 -19.14 7.14 6.00
N ALA B 132 -18.62 8.13 6.69
CA ALA B 132 -17.49 8.89 6.21
C ALA B 132 -16.27 8.23 6.83
N ALA B 133 -15.14 8.31 6.15
CA ALA B 133 -13.92 7.71 6.70
C ALA B 133 -13.38 8.63 7.78
N PRO B 134 -12.89 8.06 8.89
CA PRO B 134 -12.34 8.90 9.95
C PRO B 134 -11.14 9.66 9.38
N PRO B 135 -10.75 10.77 10.00
CA PRO B 135 -9.62 11.55 9.51
C PRO B 135 -8.32 10.77 9.43
N GLU B 136 -7.51 11.10 8.43
CA GLU B 136 -6.21 10.49 8.26
C GLU B 136 -5.31 11.16 9.29
N PHE B 137 -4.07 10.70 9.42
CA PHE B 137 -3.15 11.26 10.40
C PHE B 137 -1.74 11.12 9.81
N GLY B 138 -1.30 12.17 9.12
CA GLY B 138 -0.01 12.16 8.46
C GLY B 138 1.13 12.87 9.17
N MET B 139 2.18 13.17 8.40
CA MET B 139 3.36 13.83 8.92
C MET B 139 3.07 15.16 9.61
N LYS B 140 2.21 15.98 9.03
CA LYS B 140 1.87 17.28 9.63
C LYS B 140 1.27 17.10 11.01
N GLU B 141 0.30 16.19 11.11
CA GLU B 141 -0.39 15.89 12.36
C GLU B 141 0.58 15.34 13.39
N MET B 142 1.45 14.44 12.98
CA MET B 142 2.43 13.84 13.88
C MET B 142 3.39 14.89 14.41
N ARG B 143 3.94 15.71 13.52
CA ARG B 143 4.88 16.74 13.93
C ARG B 143 4.26 17.77 14.88
N GLU B 144 2.97 18.05 14.71
CA GLU B 144 2.28 18.99 15.59
C GLU B 144 2.18 18.41 17.00
N SER B 145 2.10 17.09 17.10
CA SER B 145 1.99 16.40 18.39
C SER B 145 3.35 16.07 18.99
N TRP B 146 4.38 16.16 18.18
CA TRP B 146 5.73 15.81 18.60
C TRP B 146 6.36 16.79 19.58
N LYS B 147 6.76 16.27 20.74
CA LYS B 147 7.36 17.08 21.77
C LYS B 147 8.56 16.37 22.40
N VAL B 148 9.71 17.03 22.37
CA VAL B 148 10.91 16.49 22.96
C VAL B 148 11.09 17.25 24.27
N HIS B 149 10.78 16.59 25.38
CA HIS B 149 10.88 17.20 26.70
C HIS B 149 12.32 17.37 27.18
N VAL B 150 13.18 16.41 26.84
CA VAL B 150 14.59 16.50 27.18
C VAL B 150 15.44 16.15 25.96
N ALA B 151 16.06 17.15 25.34
CA ALA B 151 16.91 16.92 24.18
C ALA B 151 17.98 15.90 24.57
N PRO B 152 18.36 15.02 23.64
CA PRO B 152 19.38 13.98 23.89
C PRO B 152 20.64 14.54 24.57
N GLU B 153 21.11 15.66 24.08
CA GLU B 153 22.27 16.38 24.61
C GLU B 153 22.17 16.75 26.07
N ASP B 154 20.95 16.87 26.57
CA ASP B 154 20.73 17.25 27.96
C ASP B 154 20.45 16.07 28.89
N ARG B 155 20.39 14.88 28.31
CA ARG B 155 20.15 13.69 29.11
C ARG B 155 21.46 13.23 29.72
N PRO B 156 21.39 12.35 30.72
CA PRO B 156 22.63 11.87 31.34
C PRO B 156 23.46 10.99 30.38
N THR B 157 24.77 10.89 30.64
CA THR B 157 25.67 10.09 29.82
C THR B 157 25.91 8.72 30.48
N GLN B 158 25.31 8.53 31.66
CA GLN B 158 25.43 7.28 32.40
C GLN B 158 24.22 7.19 33.34
N GLN B 159 23.94 5.99 33.83
CA GLN B 159 22.81 5.79 34.74
C GLN B 159 23.03 6.61 35.99
N MET B 160 22.06 7.48 36.32
CA MET B 160 22.17 8.38 37.45
C MET B 160 21.38 7.87 38.65
N ASN B 161 20.55 6.86 38.50
CA ASN B 161 19.80 6.32 39.62
C ASN B 161 20.50 5.00 40.00
N ASP B 162 20.12 4.42 41.14
CA ASP B 162 20.76 3.17 41.60
C ASP B 162 19.91 1.92 41.38
N TRP B 163 18.96 2.00 40.45
CA TRP B 163 18.08 0.88 40.16
C TRP B 163 18.77 -0.24 39.37
N ASP B 164 18.30 -1.47 39.55
CA ASP B 164 18.81 -2.60 38.80
C ASP B 164 17.87 -2.57 37.60
N LEU B 165 18.22 -1.79 36.58
CA LEU B 165 17.37 -1.64 35.41
C LEU B 165 17.00 -2.91 34.68
N GLU B 166 17.95 -3.80 34.48
CA GLU B 166 17.65 -5.04 33.78
C GLU B 166 16.65 -5.94 34.49
N ASN B 167 16.52 -5.79 35.81
CA ASN B 167 15.57 -6.61 36.56
C ASN B 167 14.27 -5.83 36.85
N LEU B 168 14.12 -4.66 36.23
CA LEU B 168 12.92 -3.83 36.41
C LEU B 168 11.75 -4.40 35.59
N PHE B 169 10.52 -4.17 36.04
CA PHE B 169 9.31 -4.60 35.33
C PHE B 169 8.48 -3.37 35.01
N SER B 170 8.02 -3.24 33.77
CA SER B 170 7.16 -2.13 33.37
C SER B 170 5.77 -2.75 33.31
N VAL B 171 4.89 -2.31 34.20
CA VAL B 171 3.54 -2.86 34.28
C VAL B 171 2.43 -1.90 33.88
N THR B 172 1.57 -2.34 32.97
CA THR B 172 0.44 -1.56 32.49
C THR B 172 -0.64 -1.46 33.57
N LEU B 173 -1.00 -0.24 33.93
CA LEU B 173 -2.09 0.01 34.89
C LEU B 173 -3.12 0.56 33.90
N ARG B 174 -3.70 -0.39 33.18
CA ARG B 174 -4.61 -0.15 32.08
C ARG B 174 -5.54 1.06 32.05
N ASP B 175 -6.65 0.96 32.76
CA ASP B 175 -7.66 2.01 32.74
C ASP B 175 -7.19 3.40 33.13
N ALA B 176 -6.19 3.47 34.00
CA ALA B 176 -5.66 4.75 34.46
C ALA B 176 -4.70 5.41 33.49
N GLY B 177 -4.30 4.68 32.44
CA GLY B 177 -3.37 5.23 31.47
C GLY B 177 -2.00 5.48 32.08
N GLN B 178 -1.62 4.62 33.01
CA GLN B 178 -0.34 4.73 33.69
C GLN B 178 0.46 3.44 33.57
N ILE B 179 1.72 3.50 33.98
CA ILE B 179 2.60 2.34 34.01
C ILE B 179 3.32 2.41 35.35
N ALA B 180 3.54 1.25 35.96
CA ALA B 180 4.26 1.19 37.23
C ALA B 180 5.61 0.53 36.94
N LEU B 181 6.69 1.16 37.39
CA LEU B 181 8.03 0.60 37.22
C LEU B 181 8.29 -0.06 38.57
N ILE B 182 8.39 -1.38 38.55
CA ILE B 182 8.56 -2.18 39.76
C ILE B 182 9.86 -2.96 39.84
N ASP B 183 10.53 -2.86 40.98
CA ASP B 183 11.81 -3.55 41.23
C ASP B 183 11.60 -5.07 41.20
N GLY B 184 12.41 -5.76 40.40
CA GLY B 184 12.28 -7.20 40.27
C GLY B 184 12.69 -8.05 41.45
N SER B 185 13.46 -7.50 42.37
CA SER B 185 13.90 -8.26 43.54
C SER B 185 13.23 -7.82 44.84
N THR B 186 12.97 -6.54 44.99
CA THR B 186 12.32 -6.05 46.21
C THR B 186 10.81 -5.90 46.00
N TYR B 187 10.38 -5.91 44.75
CA TYR B 187 8.96 -5.78 44.38
C TYR B 187 8.42 -4.39 44.72
N GLU B 188 9.32 -3.43 44.91
CA GLU B 188 8.91 -2.08 45.23
C GLU B 188 8.47 -1.31 43.97
N ILE B 189 7.34 -0.65 44.05
CA ILE B 189 6.85 0.15 42.94
C ILE B 189 7.75 1.39 43.03
N LYS B 190 8.73 1.47 42.14
CA LYS B 190 9.69 2.55 42.14
C LYS B 190 9.07 3.88 41.71
N THR B 191 8.09 3.79 40.81
CA THR B 191 7.41 4.97 40.30
C THR B 191 6.22 4.58 39.45
N VAL B 192 5.23 5.47 39.39
CA VAL B 192 4.04 5.28 38.58
C VAL B 192 4.04 6.50 37.66
N LEU B 193 4.04 6.26 36.36
CA LEU B 193 4.04 7.33 35.37
C LEU B 193 2.73 7.42 34.61
N ASP B 194 2.30 8.64 34.31
CA ASP B 194 1.07 8.88 33.58
C ASP B 194 1.37 9.18 32.11
N THR B 195 0.57 8.61 31.22
CA THR B 195 0.71 8.83 29.78
C THR B 195 -0.62 9.33 29.20
N GLY B 196 -1.65 9.41 30.02
CA GLY B 196 -2.92 9.89 29.52
C GLY B 196 -3.92 8.77 29.39
N TYR B 197 -3.78 7.97 28.35
CA TYR B 197 -4.70 6.87 28.16
C TYR B 197 -4.05 5.49 28.12
N ALA B 198 -4.86 4.44 28.34
CA ALA B 198 -4.42 3.06 28.34
C ALA B 198 -3.22 2.68 27.48
N VAL B 199 -2.17 2.21 28.13
CA VAL B 199 -0.95 1.76 27.47
C VAL B 199 -1.19 0.29 27.16
N HIS B 200 -0.83 -0.15 25.95
CA HIS B 200 -1.03 -1.55 25.63
C HIS B 200 0.20 -2.41 25.89
N ILE B 201 1.36 -1.94 25.45
CA ILE B 201 2.58 -2.70 25.70
C ILE B 201 3.77 -1.77 25.94
N SER B 202 4.78 -2.34 26.59
CA SER B 202 6.03 -1.65 26.90
C SER B 202 7.11 -2.41 26.14
N ARG B 203 8.02 -1.67 25.51
CA ARG B 203 9.13 -2.27 24.79
C ARG B 203 10.40 -1.51 25.17
N LEU B 204 11.53 -2.20 25.16
CA LEU B 204 12.81 -1.61 25.52
C LEU B 204 13.76 -1.47 24.35
N SER B 205 14.56 -0.40 24.36
CA SER B 205 15.53 -0.22 23.29
C SER B 205 16.56 -1.34 23.49
N ALA B 206 17.32 -1.66 22.46
CA ALA B 206 18.31 -2.74 22.53
C ALA B 206 19.37 -2.56 23.60
N SER B 207 19.66 -1.32 23.98
CA SER B 207 20.65 -1.04 25.01
C SER B 207 20.05 -1.20 26.40
N GLY B 208 18.72 -1.19 26.46
CA GLY B 208 18.01 -1.30 27.72
C GLY B 208 17.83 0.04 28.43
N ARG B 209 18.26 1.11 27.78
CA ARG B 209 18.15 2.43 28.39
C ARG B 209 16.79 3.09 28.24
N TYR B 210 16.21 2.97 27.05
CA TYR B 210 14.94 3.59 26.76
C TYR B 210 13.71 2.69 26.80
N LEU B 211 12.70 3.15 27.53
CA LEU B 211 11.43 2.46 27.68
C LEU B 211 10.39 3.12 26.80
N PHE B 212 9.85 2.38 25.85
CA PHE B 212 8.83 2.87 24.94
C PHE B 212 7.47 2.29 25.29
N VAL B 213 6.44 3.13 25.31
CA VAL B 213 5.09 2.66 25.58
C VAL B 213 4.17 3.21 24.52
N ILE B 214 3.22 2.39 24.07
CA ILE B 214 2.24 2.79 23.07
C ILE B 214 0.84 2.82 23.69
N GLY B 215 0.19 3.97 23.63
CA GLY B 215 -1.16 4.11 24.15
C GLY B 215 -2.14 3.63 23.10
N ARG B 216 -3.28 3.11 23.52
CA ARG B 216 -4.29 2.62 22.59
C ARG B 216 -4.80 3.73 21.68
N ASP B 217 -4.61 4.97 22.13
CA ASP B 217 -5.04 6.16 21.38
C ASP B 217 -4.01 6.66 20.38
N GLY B 218 -2.90 5.92 20.24
CA GLY B 218 -1.86 6.30 19.28
C GLY B 218 -0.72 7.14 19.84
N LYS B 219 -0.74 7.39 21.14
CA LYS B 219 0.30 8.21 21.76
C LYS B 219 1.50 7.33 22.13
N VAL B 220 2.68 7.76 21.70
CA VAL B 220 3.92 7.06 22.02
C VAL B 220 4.70 7.91 23.01
N ASN B 221 5.18 7.29 24.08
CA ASN B 221 6.00 7.97 25.08
C ASN B 221 7.33 7.23 25.16
N MET B 222 8.41 7.99 25.27
CA MET B 222 9.75 7.45 25.36
C MET B 222 10.28 7.88 26.73
N ILE B 223 10.69 6.93 27.55
CA ILE B 223 11.16 7.19 28.91
C ILE B 223 12.64 6.86 29.08
N ASP B 224 13.41 7.78 29.67
CA ASP B 224 14.83 7.58 29.88
C ASP B 224 15.09 6.96 31.26
N LEU B 225 15.42 5.66 31.27
CA LEU B 225 15.68 4.95 32.53
C LEU B 225 16.98 5.32 33.23
N TRP B 226 17.80 6.17 32.62
CA TRP B 226 19.05 6.60 33.23
C TRP B 226 18.91 7.85 34.11
N MET B 227 17.80 8.56 33.99
CA MET B 227 17.56 9.76 34.78
C MET B 227 17.43 9.41 36.26
N LYS B 228 17.77 10.36 37.12
CA LYS B 228 17.66 10.18 38.56
C LYS B 228 16.20 9.79 38.83
N GLU B 229 15.29 10.47 38.13
CA GLU B 229 13.87 10.17 38.23
C GLU B 229 13.39 9.97 36.81
N PRO B 230 13.34 8.71 36.34
CA PRO B 230 12.91 8.43 34.96
C PRO B 230 11.54 9.01 34.63
N THR B 231 11.46 9.69 33.49
CA THR B 231 10.22 10.28 33.04
C THR B 231 10.23 10.30 31.52
N THR B 232 9.14 10.76 30.92
CA THR B 232 9.05 10.83 29.47
C THR B 232 9.98 11.93 28.95
N VAL B 233 10.85 11.56 28.02
CA VAL B 233 11.78 12.53 27.42
C VAL B 233 11.30 12.99 26.05
N ALA B 234 10.33 12.27 25.47
CA ALA B 234 9.76 12.63 24.18
C ALA B 234 8.43 11.90 23.97
N GLU B 235 7.52 12.54 23.25
CA GLU B 235 6.22 11.94 22.96
C GLU B 235 5.75 12.33 21.57
N ILE B 236 4.87 11.52 20.99
CA ILE B 236 4.33 11.82 19.67
C ILE B 236 3.08 10.97 19.43
N LYS B 237 2.15 11.48 18.64
CA LYS B 237 0.94 10.74 18.32
C LYS B 237 1.15 10.23 16.89
N ILE B 238 0.84 8.97 16.66
CA ILE B 238 1.04 8.38 15.34
C ILE B 238 -0.24 7.89 14.66
N GLY B 239 -1.38 8.08 15.32
CA GLY B 239 -2.65 7.65 14.78
C GLY B 239 -3.75 7.89 15.79
N SER B 240 -4.93 7.31 15.56
CA SER B 240 -6.07 7.45 16.46
C SER B 240 -6.30 6.18 17.30
N GLU B 241 -5.87 5.05 16.74
CA GLU B 241 -5.97 3.75 17.41
C GLU B 241 -4.69 2.98 17.09
N ALA B 242 -3.98 2.56 18.13
CA ALA B 242 -2.73 1.84 17.95
C ALA B 242 -2.56 0.83 19.08
N ARG B 243 -1.84 -0.25 18.80
CA ARG B 243 -1.63 -1.30 19.81
C ARG B 243 -0.22 -1.88 19.85
N SER B 244 0.65 -1.50 18.91
CA SER B 244 1.99 -2.08 18.88
C SER B 244 3.14 -1.10 18.68
N ILE B 245 4.30 -1.51 19.19
CA ILE B 245 5.51 -0.70 19.10
C ILE B 245 6.71 -1.63 19.26
N GLU B 246 7.85 -1.25 18.71
CA GLU B 246 9.07 -2.06 18.83
C GLU B 246 10.29 -1.19 18.55
N THR B 247 11.46 -1.69 18.96
CA THR B 247 12.72 -0.98 18.80
C THR B 247 13.67 -1.77 17.90
N SER B 248 14.64 -1.09 17.30
CA SER B 248 15.58 -1.77 16.42
C SER B 248 16.50 -2.69 17.23
N LYS B 249 16.59 -3.95 16.81
CA LYS B 249 17.40 -4.93 17.53
C LYS B 249 18.52 -5.61 16.74
N MET B 250 18.84 -5.09 15.56
CA MET B 250 19.93 -5.63 14.76
C MET B 250 21.22 -5.07 15.34
N GLU B 251 22.21 -5.93 15.55
CA GLU B 251 23.49 -5.51 16.10
C GLU B 251 24.04 -4.34 15.26
N GLY B 252 24.45 -3.28 15.94
CA GLY B 252 24.97 -2.10 15.27
C GLY B 252 23.90 -1.04 15.11
N TRP B 253 22.65 -1.42 15.34
CA TRP B 253 21.53 -0.48 15.21
C TRP B 253 20.83 -0.20 16.53
N GLU B 254 21.52 -0.45 17.63
CA GLU B 254 20.97 -0.21 18.97
C GLU B 254 20.58 1.25 19.13
N ASP B 255 19.37 1.49 19.61
CA ASP B 255 18.83 2.83 19.85
C ASP B 255 18.60 3.70 18.62
N LYS B 256 18.73 3.12 17.44
CA LYS B 256 18.57 3.88 16.21
C LYS B 256 17.14 4.23 15.85
N TYR B 257 16.23 3.26 15.99
CA TYR B 257 14.84 3.48 15.62
C TYR B 257 13.81 2.82 16.52
N ALA B 258 12.58 3.31 16.39
CA ALA B 258 11.43 2.76 17.08
C ALA B 258 10.37 2.73 15.98
N ILE B 259 9.43 1.81 16.06
CA ILE B 259 8.36 1.72 15.07
C ILE B 259 7.05 1.48 15.82
N ALA B 260 5.97 2.09 15.33
CA ALA B 260 4.66 1.94 15.96
C ALA B 260 3.66 1.52 14.87
N GLY B 261 2.71 0.67 15.27
CA GLY B 261 1.69 0.20 14.34
C GLY B 261 0.33 0.71 14.75
N ALA B 262 -0.51 1.01 13.76
CA ALA B 262 -1.83 1.55 14.05
C ALA B 262 -2.97 0.77 13.39
N TYR B 263 -4.13 0.81 14.04
CA TYR B 263 -5.36 0.21 13.56
C TYR B 263 -5.98 1.27 12.64
N TRP B 264 -5.96 2.52 13.12
CA TRP B 264 -6.47 3.64 12.35
C TRP B 264 -5.62 4.89 12.56
N PRO B 265 -5.08 5.48 11.47
CA PRO B 265 -5.27 5.01 10.09
C PRO B 265 -4.48 3.71 9.96
N PRO B 266 -4.75 2.90 8.93
CA PRO B 266 -4.00 1.64 8.77
C PRO B 266 -2.60 2.02 8.28
N GLN B 267 -1.63 2.04 9.19
CA GLN B 267 -0.27 2.46 8.84
C GLN B 267 0.69 2.13 9.97
N TYR B 268 1.98 2.16 9.64
CA TYR B 268 3.03 1.98 10.64
C TYR B 268 3.97 3.18 10.46
N VAL B 269 4.67 3.55 11.52
CA VAL B 269 5.55 4.71 11.49
C VAL B 269 6.89 4.42 12.13
N ILE B 270 7.97 4.70 11.41
CA ILE B 270 9.32 4.51 11.94
C ILE B 270 9.75 5.87 12.46
N MET B 271 10.19 5.91 13.71
CA MET B 271 10.62 7.12 14.39
C MET B 271 12.06 7.04 14.83
N ASP B 272 12.68 8.20 15.03
CA ASP B 272 14.07 8.30 15.48
C ASP B 272 14.09 7.71 16.89
N GLY B 273 15.01 6.79 17.13
CA GLY B 273 15.14 6.13 18.43
C GLY B 273 15.56 6.97 19.61
N GLU B 274 15.98 8.20 19.39
CA GLU B 274 16.39 9.06 20.49
C GLU B 274 15.48 10.27 20.72
N THR B 275 14.76 10.69 19.70
CA THR B 275 13.89 11.86 19.80
C THR B 275 12.43 11.62 19.43
N LEU B 276 12.16 10.49 18.79
CA LEU B 276 10.83 10.12 18.31
C LEU B 276 10.43 10.89 17.05
N GLU B 277 11.38 11.60 16.45
CA GLU B 277 11.05 12.35 15.23
C GLU B 277 10.47 11.37 14.22
N PRO B 278 9.30 11.68 13.65
CA PRO B 278 8.70 10.76 12.67
C PRO B 278 9.51 10.79 11.37
N LYS B 279 10.00 9.64 10.96
CA LYS B 279 10.84 9.54 9.76
C LYS B 279 10.17 8.97 8.52
N LYS B 280 9.40 7.89 8.69
CA LYS B 280 8.73 7.26 7.56
C LYS B 280 7.38 6.69 7.95
N ILE B 281 6.34 7.08 7.21
CA ILE B 281 4.99 6.58 7.45
C ILE B 281 4.62 5.71 6.27
N GLN B 282 4.15 4.49 6.54
CA GLN B 282 3.74 3.57 5.49
C GLN B 282 2.31 3.10 5.66
N SER B 283 1.49 3.29 4.63
CA SER B 283 0.11 2.85 4.64
C SER B 283 0.07 1.33 4.50
N THR B 284 -0.89 0.69 5.17
CA THR B 284 -1.04 -0.75 5.06
C THR B 284 -2.22 -1.12 4.19
N ARG B 285 -2.92 -0.12 3.65
CA ARG B 285 -4.05 -0.39 2.78
C ARG B 285 -3.51 -1.17 1.59
N GLY B 286 -4.22 -2.23 1.19
CA GLY B 286 -3.76 -3.00 0.06
C GLY B 286 -4.58 -4.24 -0.24
N MET B 287 -3.97 -5.20 -0.92
CA MET B 287 -4.65 -6.44 -1.32
C MET B 287 -4.51 -7.63 -0.39
N THR B 288 -5.59 -8.38 -0.22
CA THR B 288 -5.54 -9.58 0.60
C THR B 288 -4.61 -10.56 -0.13
N TYR B 289 -3.87 -11.38 0.60
CA TYR B 289 -2.93 -12.31 -0.02
C TYR B 289 -3.54 -13.41 -0.89
N ASP B 290 -4.65 -13.99 -0.44
CA ASP B 290 -5.29 -15.09 -1.16
C ASP B 290 -6.29 -14.76 -2.25
N GLU B 291 -7.32 -14.00 -1.91
CA GLU B 291 -8.34 -13.64 -2.89
C GLU B 291 -7.92 -12.41 -3.69
N GLN B 292 -6.83 -11.77 -3.24
CA GLN B 292 -6.30 -10.56 -3.86
C GLN B 292 -7.41 -9.58 -4.23
N GLU B 293 -8.03 -9.08 -3.17
CA GLU B 293 -9.11 -8.11 -3.25
C GLU B 293 -8.65 -6.96 -2.37
N TYR B 294 -8.94 -5.74 -2.79
CA TYR B 294 -8.52 -4.58 -2.01
C TYR B 294 -9.26 -4.52 -0.68
N HIS B 295 -8.51 -4.24 0.38
CA HIS B 295 -9.08 -4.10 1.71
C HIS B 295 -8.66 -2.71 2.18
N PRO B 296 -9.63 -1.83 2.48
CA PRO B 296 -9.35 -0.47 2.92
C PRO B 296 -8.98 -0.28 4.39
N GLU B 297 -8.94 -1.36 5.16
CA GLU B 297 -8.62 -1.21 6.58
C GLU B 297 -7.76 -2.36 7.16
N PRO B 298 -6.54 -2.56 6.61
CA PRO B 298 -5.69 -3.64 7.13
C PRO B 298 -4.91 -3.16 8.35
N ARG B 299 -5.37 -3.59 9.51
CA ARG B 299 -4.77 -3.22 10.78
C ARG B 299 -3.41 -3.82 11.03
N VAL B 300 -2.53 -3.02 11.64
CA VAL B 300 -1.21 -3.52 11.99
C VAL B 300 -1.35 -4.17 13.35
N ALA B 301 -0.92 -5.42 13.46
CA ALA B 301 -0.97 -6.15 14.72
C ALA B 301 0.43 -6.16 15.35
N ALA B 302 0.97 -7.32 15.70
CA ALA B 302 2.29 -7.39 16.32
C ALA B 302 3.39 -6.89 15.41
N ILE B 303 4.42 -6.30 16.03
CA ILE B 303 5.60 -5.84 15.30
C ILE B 303 6.79 -6.33 16.11
N LEU B 304 7.67 -7.08 15.46
CA LEU B 304 8.88 -7.58 16.10
C LEU B 304 10.08 -6.98 15.37
N ALA B 305 11.27 -7.23 15.89
CA ALA B 305 12.50 -6.71 15.29
C ALA B 305 13.45 -7.83 14.97
N SER B 306 13.94 -7.85 13.74
CA SER B 306 14.87 -8.88 13.32
C SER B 306 16.22 -8.75 14.03
N HIS B 307 16.81 -9.90 14.33
CA HIS B 307 18.12 -9.99 14.95
C HIS B 307 19.11 -10.42 13.89
N TYR B 308 18.61 -10.79 12.72
CA TYR B 308 19.47 -11.23 11.60
C TYR B 308 19.71 -10.13 10.57
N ARG B 309 18.77 -9.22 10.42
CA ARG B 309 18.92 -8.12 9.47
C ARG B 309 18.34 -6.84 10.08
N PRO B 310 18.81 -5.68 9.62
CA PRO B 310 18.33 -4.40 10.15
C PRO B 310 16.89 -4.15 9.61
N GLU B 311 15.96 -4.97 10.10
CA GLU B 311 14.57 -4.90 9.68
C GLU B 311 13.57 -5.02 10.80
N PHE B 312 12.39 -4.48 10.57
CA PHE B 312 11.28 -4.62 11.51
C PHE B 312 10.37 -5.64 10.84
N ILE B 313 9.67 -6.44 11.64
CA ILE B 313 8.76 -7.48 11.15
C ILE B 313 7.36 -6.99 11.51
N VAL B 314 6.56 -6.67 10.50
CA VAL B 314 5.23 -6.12 10.71
C VAL B 314 4.07 -7.02 10.26
N ASN B 315 3.18 -7.37 11.18
CA ASN B 315 2.01 -8.19 10.85
C ASN B 315 0.85 -7.29 10.38
N VAL B 316 0.32 -7.56 9.19
CA VAL B 316 -0.81 -6.79 8.65
C VAL B 316 -1.96 -7.80 8.62
N LYS B 317 -2.86 -7.63 9.58
CA LYS B 317 -3.99 -8.50 9.83
C LYS B 317 -4.95 -8.94 8.72
N GLU B 318 -5.82 -8.04 8.31
CA GLU B 318 -6.85 -8.35 7.32
C GLU B 318 -6.37 -8.78 5.94
N THR B 319 -5.18 -8.35 5.54
CA THR B 319 -4.64 -8.73 4.25
C THR B 319 -3.77 -9.97 4.31
N GLY B 320 -3.37 -10.36 5.53
CA GLY B 320 -2.54 -11.54 5.71
C GLY B 320 -1.15 -11.40 5.13
N LYS B 321 -0.53 -10.25 5.39
CA LYS B 321 0.82 -9.99 4.88
C LYS B 321 1.77 -9.71 6.05
N ILE B 322 2.97 -10.25 5.99
CA ILE B 322 3.98 -9.99 7.01
C ILE B 322 5.02 -9.18 6.25
N LEU B 323 5.33 -7.99 6.74
CA LEU B 323 6.29 -7.11 6.08
C LEU B 323 7.63 -7.09 6.79
N LEU B 324 8.71 -7.19 6.01
CA LEU B 324 10.06 -7.10 6.55
C LEU B 324 10.54 -5.75 6.00
N VAL B 325 10.62 -4.78 6.89
CA VAL B 325 11.00 -3.42 6.49
C VAL B 325 12.44 -3.11 6.85
N ASP B 326 13.26 -2.84 5.84
CA ASP B 326 14.68 -2.53 6.01
C ASP B 326 14.84 -1.05 6.36
N TYR B 327 15.33 -0.78 7.57
CA TYR B 327 15.51 0.60 8.01
C TYR B 327 16.89 1.23 7.75
N THR B 328 17.72 0.60 6.93
CA THR B 328 19.04 1.16 6.65
C THR B 328 18.94 2.34 5.69
N ASP B 329 17.82 2.43 4.97
CA ASP B 329 17.60 3.51 4.01
C ASP B 329 16.09 3.77 3.94
N LEU B 330 15.65 4.88 4.54
CA LEU B 330 14.24 5.22 4.57
C LEU B 330 13.75 5.99 3.35
N ASN B 331 14.67 6.37 2.47
CA ASN B 331 14.34 7.11 1.25
C ASN B 331 14.17 6.14 0.08
N ASN B 332 15.08 5.17 -0.02
CA ASN B 332 15.02 4.13 -1.04
C ASN B 332 14.66 2.90 -0.19
N LEU B 333 13.41 2.89 0.24
CA LEU B 333 12.87 1.86 1.13
C LEU B 333 12.71 0.44 0.59
N LYS B 334 13.46 -0.49 1.15
CA LYS B 334 13.38 -1.88 0.75
C LYS B 334 12.46 -2.62 1.73
N THR B 335 11.47 -3.33 1.19
CA THR B 335 10.57 -4.13 2.01
C THR B 335 10.32 -5.47 1.32
N THR B 336 9.96 -6.46 2.11
CA THR B 336 9.58 -7.78 1.59
C THR B 336 8.16 -7.98 2.12
N GLU B 337 7.20 -8.05 1.21
CA GLU B 337 5.79 -8.25 1.55
C GLU B 337 5.52 -9.73 1.39
N ILE B 338 5.46 -10.43 2.53
CA ILE B 338 5.25 -11.88 2.52
C ILE B 338 3.80 -12.30 2.63
N SER B 339 3.32 -13.03 1.63
CA SER B 339 1.95 -13.55 1.64
C SER B 339 1.95 -14.66 2.68
N ALA B 340 1.08 -14.54 3.67
CA ALA B 340 1.03 -15.52 4.74
C ALA B 340 -0.38 -16.10 4.88
N GLU B 341 -1.10 -15.64 5.90
CA GLU B 341 -2.45 -16.10 6.13
C GLU B 341 -3.22 -14.94 6.76
N ARG B 342 -4.50 -14.81 6.40
CA ARG B 342 -5.30 -13.73 6.94
C ARG B 342 -5.52 -13.85 8.45
N PHE B 343 -5.68 -12.68 9.07
CA PHE B 343 -5.91 -12.55 10.50
C PHE B 343 -4.72 -12.80 11.40
N LEU B 344 -3.56 -12.39 10.89
CA LEU B 344 -2.31 -12.46 11.64
C LEU B 344 -2.49 -11.56 12.85
N HIS B 345 -1.98 -12.00 13.99
CA HIS B 345 -2.09 -11.17 15.17
C HIS B 345 -0.78 -11.09 15.93
N ASP B 346 -0.58 -12.02 16.86
CA ASP B 346 0.62 -12.05 17.69
C ASP B 346 1.59 -13.16 17.34
N GLY B 347 2.81 -13.07 17.85
CA GLY B 347 3.80 -14.09 17.58
C GLY B 347 5.13 -13.77 18.21
N GLY B 348 6.10 -14.65 18.02
CA GLY B 348 7.43 -14.44 18.60
C GLY B 348 8.50 -15.17 17.80
N LEU B 349 9.75 -14.87 18.10
CA LEU B 349 10.88 -15.51 17.43
C LEU B 349 11.18 -16.81 18.17
N ASP B 350 11.78 -17.77 17.48
CA ASP B 350 12.14 -19.03 18.11
C ASP B 350 13.36 -18.79 19.01
N GLY B 351 13.84 -19.83 19.66
CA GLY B 351 14.99 -19.71 20.54
C GLY B 351 16.25 -19.17 19.89
N SER B 352 16.46 -19.44 18.60
CA SER B 352 17.64 -18.96 17.89
C SER B 352 17.46 -17.53 17.36
N HIS B 353 16.25 -17.00 17.50
CA HIS B 353 15.92 -15.65 17.04
C HIS B 353 15.97 -15.48 15.53
N ARG B 354 15.85 -16.58 14.81
CA ARG B 354 15.88 -16.52 13.35
C ARG B 354 14.50 -16.62 12.70
N TYR B 355 13.62 -17.42 13.28
CA TYR B 355 12.30 -17.63 12.72
C TYR B 355 11.18 -16.96 13.49
N PHE B 356 10.31 -16.25 12.76
CA PHE B 356 9.16 -15.57 13.37
C PHE B 356 7.98 -16.53 13.23
N ILE B 357 7.36 -16.87 14.36
CA ILE B 357 6.22 -17.79 14.37
C ILE B 357 5.02 -16.97 14.85
N THR B 358 3.99 -16.87 14.02
CA THR B 358 2.85 -16.04 14.37
C THR B 358 1.48 -16.68 14.12
N ALA B 359 0.51 -16.34 14.95
CA ALA B 359 -0.82 -16.90 14.83
C ALA B 359 -1.76 -16.12 13.95
N ALA B 360 -2.37 -16.82 12.99
CA ALA B 360 -3.40 -16.27 12.11
C ALA B 360 -4.57 -16.86 12.91
N ASN B 361 -4.90 -16.21 14.02
CA ASN B 361 -5.91 -16.71 14.95
C ASN B 361 -7.26 -17.18 14.48
N ALA B 362 -7.94 -16.36 13.67
CA ALA B 362 -9.27 -16.73 13.20
C ALA B 362 -9.25 -17.96 12.28
N ARG B 363 -8.08 -18.29 11.75
CA ARG B 363 -7.93 -19.44 10.86
C ARG B 363 -7.15 -20.62 11.47
N ASN B 364 -6.88 -20.52 12.78
CA ASN B 364 -6.20 -21.57 13.54
C ASN B 364 -4.85 -22.01 12.97
N LYS B 365 -4.13 -21.09 12.34
CA LYS B 365 -2.84 -21.43 11.74
C LYS B 365 -1.68 -20.72 12.39
N LEU B 366 -0.51 -21.34 12.28
CA LEU B 366 0.73 -20.75 12.74
C LEU B 366 1.53 -20.54 11.46
N VAL B 367 1.99 -19.31 11.24
CA VAL B 367 2.78 -18.97 10.06
C VAL B 367 4.23 -18.84 10.52
N VAL B 368 5.16 -19.41 9.77
CA VAL B 368 6.58 -19.33 10.09
C VAL B 368 7.36 -18.62 8.99
N ILE B 369 8.10 -17.59 9.39
CA ILE B 369 8.92 -16.80 8.47
C ILE B 369 10.40 -16.94 8.84
N ASP B 370 11.25 -17.10 7.83
CA ASP B 370 12.69 -17.19 8.05
C ASP B 370 13.16 -15.73 7.92
N THR B 371 13.54 -15.10 9.02
CA THR B 371 13.98 -13.69 8.96
C THR B 371 15.34 -13.51 8.30
N LYS B 372 16.12 -14.57 8.21
CA LYS B 372 17.43 -14.47 7.56
C LYS B 372 17.25 -14.42 6.05
N GLU B 373 16.46 -15.35 5.52
CA GLU B 373 16.21 -15.42 4.09
C GLU B 373 15.06 -14.54 3.62
N GLY B 374 14.25 -14.08 4.57
CA GLY B 374 13.13 -13.21 4.25
C GLY B 374 12.05 -13.90 3.44
N LYS B 375 11.62 -15.07 3.90
CA LYS B 375 10.58 -15.81 3.19
C LYS B 375 9.78 -16.74 4.09
N LEU B 376 8.56 -17.02 3.65
CA LEU B 376 7.66 -17.92 4.36
C LEU B 376 8.25 -19.33 4.31
N VAL B 377 8.22 -20.03 5.42
CA VAL B 377 8.76 -21.37 5.51
C VAL B 377 7.69 -22.42 5.82
N ALA B 378 6.58 -22.01 6.44
CA ALA B 378 5.53 -22.96 6.77
C ALA B 378 4.26 -22.31 7.29
N ILE B 379 3.14 -23.02 7.15
CA ILE B 379 1.84 -22.61 7.66
C ILE B 379 1.22 -23.92 8.11
N GLU B 380 0.98 -24.04 9.42
CA GLU B 380 0.41 -25.26 9.97
C GLU B 380 -0.77 -25.00 10.90
N ASP B 381 -1.79 -25.82 10.77
CA ASP B 381 -2.97 -25.71 11.61
C ASP B 381 -2.58 -26.32 12.94
N THR B 382 -2.92 -25.66 14.04
CA THR B 382 -2.57 -26.16 15.36
C THR B 382 -3.46 -27.30 15.86
N GLY B 383 -4.60 -27.49 15.20
CA GLY B 383 -5.53 -28.53 15.64
C GLY B 383 -6.43 -27.98 16.73
N GLY B 384 -6.14 -26.77 17.19
CA GLY B 384 -6.92 -26.14 18.22
C GLY B 384 -7.73 -24.97 17.68
N GLN B 385 -8.51 -24.34 18.54
CA GLN B 385 -9.33 -23.22 18.14
C GLN B 385 -8.83 -21.88 18.66
N THR B 386 -8.49 -21.00 17.72
CA THR B 386 -8.03 -19.65 18.01
C THR B 386 -6.74 -19.56 18.83
N PRO B 387 -5.60 -19.93 18.21
CA PRO B 387 -4.34 -19.86 18.93
C PRO B 387 -4.00 -18.40 19.30
N HIS B 388 -3.55 -18.20 20.52
CA HIS B 388 -3.19 -16.87 21.00
C HIS B 388 -1.92 -17.07 21.82
N PRO B 389 -0.75 -17.02 21.16
CA PRO B 389 0.54 -17.21 21.82
C PRO B 389 1.17 -16.07 22.59
N GLY B 390 0.81 -14.83 22.26
CA GLY B 390 1.48 -13.70 22.85
C GLY B 390 2.78 -13.84 22.06
N ARG B 391 3.95 -13.82 22.70
CA ARG B 391 5.20 -14.02 21.97
C ARG B 391 5.58 -15.52 22.00
N GLY B 392 4.76 -16.32 22.67
CA GLY B 392 4.98 -17.76 22.75
C GLY B 392 5.98 -18.21 23.79
N ALA B 393 6.26 -19.50 23.78
CA ALA B 393 7.20 -20.09 24.73
C ALA B 393 8.14 -21.08 24.05
N ASN B 394 9.44 -20.75 24.04
CA ASN B 394 10.46 -21.59 23.43
C ASN B 394 11.16 -22.42 24.49
N PHE B 395 11.44 -23.68 24.16
CA PHE B 395 12.14 -24.57 25.08
C PHE B 395 12.63 -25.79 24.35
N VAL B 396 13.64 -26.45 24.91
CA VAL B 396 14.17 -27.65 24.29
C VAL B 396 13.42 -28.82 24.89
N HIS B 397 12.51 -29.39 24.11
CA HIS B 397 11.73 -30.54 24.56
C HIS B 397 12.73 -31.70 24.65
N PRO B 398 12.68 -32.47 25.75
CA PRO B 398 13.58 -33.61 25.98
C PRO B 398 13.68 -34.63 24.84
N THR B 399 12.61 -34.86 24.11
CA THR B 399 12.65 -35.83 23.02
C THR B 399 12.46 -35.21 21.62
N PHE B 400 11.68 -34.13 21.53
CA PHE B 400 11.41 -33.47 20.25
C PHE B 400 12.48 -32.47 19.83
N GLY B 401 13.22 -31.93 20.80
CA GLY B 401 14.23 -30.93 20.50
C GLY B 401 13.62 -29.55 20.64
N PRO B 402 14.24 -28.49 20.09
CA PRO B 402 13.71 -27.14 20.19
C PRO B 402 12.28 -27.03 19.68
N VAL B 403 11.40 -26.44 20.48
CA VAL B 403 10.00 -26.26 20.12
C VAL B 403 9.53 -24.89 20.62
N TRP B 404 8.42 -24.42 20.05
CA TRP B 404 7.79 -23.16 20.44
C TRP B 404 6.36 -23.60 20.73
N ALA B 405 5.79 -23.06 21.80
CA ALA B 405 4.44 -23.44 22.20
C ALA B 405 3.43 -22.30 22.22
N THR B 406 2.17 -22.65 22.03
CA THR B 406 1.08 -21.68 22.09
C THR B 406 -0.13 -22.36 22.70
N SER B 407 -0.91 -21.60 23.44
CA SER B 407 -2.14 -22.12 24.00
C SER B 407 -3.26 -21.52 23.12
N HIS B 408 -4.52 -21.80 23.46
CA HIS B 408 -5.65 -21.34 22.66
C HIS B 408 -6.75 -20.65 23.42
N MET B 409 -7.42 -19.72 22.74
CA MET B 409 -8.53 -19.00 23.34
C MET B 409 -9.81 -19.81 23.21
N GLY B 410 -9.91 -20.57 22.12
CA GLY B 410 -11.10 -21.36 21.83
C GLY B 410 -11.23 -22.74 22.45
N ASP B 411 -10.13 -23.28 22.96
CA ASP B 411 -10.17 -24.57 23.62
C ASP B 411 -9.03 -24.65 24.64
N ASP B 412 -8.92 -25.79 25.33
CA ASP B 412 -7.90 -25.97 26.36
C ASP B 412 -6.55 -26.47 25.89
N SER B 413 -6.36 -26.61 24.58
CA SER B 413 -5.12 -27.15 24.03
C SER B 413 -3.87 -26.28 24.03
N VAL B 414 -2.73 -26.96 24.12
CA VAL B 414 -1.41 -26.36 24.06
C VAL B 414 -0.76 -27.14 22.93
N ALA B 415 -0.27 -26.43 21.92
CA ALA B 415 0.38 -27.08 20.78
C ALA B 415 1.86 -26.73 20.70
N LEU B 416 2.66 -27.73 20.34
CA LEU B 416 4.11 -27.57 20.21
C LEU B 416 4.51 -27.71 18.74
N ILE B 417 5.34 -26.80 18.25
CA ILE B 417 5.82 -26.87 16.87
C ILE B 417 7.35 -26.95 16.90
N GLY B 418 7.93 -27.85 16.11
CA GLY B 418 9.38 -27.96 16.05
C GLY B 418 9.97 -26.71 15.42
N THR B 419 11.09 -26.21 15.93
CA THR B 419 11.70 -24.99 15.41
C THR B 419 13.18 -25.17 15.04
N ASP B 420 13.56 -26.41 14.74
CA ASP B 420 14.97 -26.70 14.43
C ASP B 420 15.12 -27.41 13.08
N PRO B 421 14.97 -26.67 11.97
CA PRO B 421 15.09 -27.28 10.65
C PRO B 421 16.42 -27.97 10.35
N GLU B 422 17.51 -27.47 10.91
CA GLU B 422 18.83 -28.09 10.67
C GLU B 422 19.11 -29.28 11.60
N GLY B 423 18.81 -29.12 12.89
CA GLY B 423 19.10 -30.17 13.86
C GLY B 423 18.07 -31.25 14.11
N HIS B 424 16.80 -30.92 13.87
CA HIS B 424 15.70 -31.88 14.03
C HIS B 424 14.82 -31.68 12.79
N PRO B 425 15.36 -32.00 11.61
CA PRO B 425 14.66 -31.84 10.33
C PRO B 425 13.23 -32.36 10.25
N ASP B 426 13.00 -33.62 10.59
CA ASP B 426 11.66 -34.21 10.53
C ASP B 426 10.66 -33.48 11.42
N ASN B 427 11.12 -32.96 12.56
CA ASN B 427 10.22 -32.28 13.48
C ASN B 427 9.98 -30.81 13.18
N ALA B 428 10.79 -30.22 12.31
CA ALA B 428 10.67 -28.79 12.01
C ALA B 428 9.36 -28.34 11.38
N TRP B 429 8.74 -27.34 12.01
CA TRP B 429 7.49 -26.74 11.55
C TRP B 429 6.32 -27.69 11.47
N LYS B 430 6.35 -28.73 12.30
CA LYS B 430 5.27 -29.69 12.39
C LYS B 430 4.73 -29.63 13.81
N ILE B 431 3.41 -29.77 13.95
CA ILE B 431 2.79 -29.76 15.27
C ILE B 431 3.15 -31.14 15.85
N LEU B 432 4.06 -31.13 16.83
CA LEU B 432 4.56 -32.36 17.44
C LEU B 432 3.73 -32.97 18.56
N ASP B 433 2.96 -32.13 19.23
CA ASP B 433 2.13 -32.61 20.33
C ASP B 433 1.09 -31.55 20.62
N SER B 434 -0.04 -32.00 21.15
CA SER B 434 -1.14 -31.13 21.50
C SER B 434 -1.74 -31.78 22.74
N PHE B 435 -1.87 -31.02 23.81
CA PHE B 435 -2.40 -31.55 25.06
C PHE B 435 -3.19 -30.48 25.81
N PRO B 436 -4.12 -30.92 26.67
CA PRO B 436 -4.93 -29.99 27.45
C PRO B 436 -4.26 -29.38 28.67
N ALA B 437 -4.63 -28.13 28.93
CA ALA B 437 -4.16 -27.40 30.09
C ALA B 437 -5.44 -27.19 30.94
N LEU B 438 -5.57 -26.05 31.60
CA LEU B 438 -6.74 -25.81 32.45
C LEU B 438 -8.12 -25.80 31.79
N GLY B 439 -8.22 -25.09 30.68
CA GLY B 439 -9.50 -24.98 29.98
C GLY B 439 -9.38 -23.93 28.90
N GLY B 440 -10.48 -23.64 28.23
CA GLY B 440 -10.46 -22.63 27.18
C GLY B 440 -10.28 -21.21 27.72
N GLY B 441 -10.11 -20.26 26.81
CA GLY B 441 -9.93 -18.87 27.19
C GLY B 441 -8.51 -18.49 27.57
N SER B 442 -7.54 -19.29 27.15
CA SER B 442 -6.15 -19.00 27.46
C SER B 442 -5.64 -17.84 26.62
N LEU B 443 -4.74 -17.04 27.19
CA LEU B 443 -4.15 -15.92 26.49
C LEU B 443 -2.63 -15.98 26.42
N PHE B 444 -1.96 -16.45 27.47
CA PHE B 444 -0.51 -16.49 27.45
C PHE B 444 0.12 -17.76 28.01
N ILE B 445 1.19 -18.19 27.34
CA ILE B 445 1.96 -19.37 27.73
C ILE B 445 3.36 -18.82 28.00
N LYS B 446 4.08 -19.34 28.99
CA LYS B 446 5.38 -18.77 29.29
C LYS B 446 6.40 -19.72 29.90
N THR B 447 7.66 -19.49 29.56
CA THR B 447 8.77 -20.25 30.11
C THR B 447 10.01 -19.37 30.03
N HIS B 448 11.14 -19.88 30.49
CA HIS B 448 12.40 -19.14 30.49
C HIS B 448 13.51 -20.18 30.41
N PRO B 449 14.66 -19.84 29.81
CA PRO B 449 15.78 -20.78 29.68
C PRO B 449 16.31 -21.37 30.99
N ASN B 450 16.11 -20.66 32.09
CA ASN B 450 16.57 -21.12 33.39
C ASN B 450 15.50 -21.87 34.17
N SER B 451 14.33 -22.03 33.56
CA SER B 451 13.22 -22.74 34.19
C SER B 451 12.93 -24.05 33.47
N GLN B 452 12.40 -25.02 34.19
CA GLN B 452 12.02 -26.30 33.62
C GLN B 452 10.49 -26.36 33.53
N TYR B 453 9.85 -25.22 33.78
CA TYR B 453 8.39 -25.16 33.77
C TYR B 453 7.75 -24.32 32.68
N LEU B 454 6.60 -24.79 32.20
CA LEU B 454 5.80 -24.14 31.17
C LEU B 454 4.48 -23.73 31.83
N TYR B 455 4.23 -22.43 31.88
CA TYR B 455 3.05 -21.86 32.53
C TYR B 455 1.98 -21.46 31.52
N VAL B 456 0.72 -21.81 31.79
CA VAL B 456 -0.37 -21.48 30.89
C VAL B 456 -1.59 -20.92 31.64
N ASP B 457 -2.03 -19.72 31.28
CA ASP B 457 -3.19 -19.13 31.94
C ASP B 457 -4.48 -19.54 31.23
N ALA B 458 -5.61 -19.07 31.73
CA ALA B 458 -6.94 -19.37 31.18
C ALA B 458 -7.83 -18.19 31.54
N THR B 459 -7.29 -17.00 31.28
CA THR B 459 -7.91 -15.71 31.57
C THR B 459 -9.39 -15.52 31.25
N LEU B 460 -9.80 -15.92 30.04
CA LEU B 460 -11.18 -15.71 29.61
C LEU B 460 -12.11 -16.88 29.86
N ASN B 461 -11.67 -17.88 30.62
CA ASN B 461 -12.54 -19.01 30.91
C ASN B 461 -13.74 -18.51 31.70
N PRO B 462 -14.95 -18.99 31.36
CA PRO B 462 -16.16 -18.59 32.07
C PRO B 462 -16.26 -19.04 33.52
N GLU B 463 -15.40 -19.98 33.91
CA GLU B 463 -15.39 -20.49 35.27
C GLU B 463 -14.32 -19.81 36.12
N ALA B 464 -14.76 -19.15 37.18
CA ALA B 464 -13.88 -18.44 38.09
C ALA B 464 -12.68 -19.27 38.58
N GLU B 465 -12.94 -20.50 38.97
CA GLU B 465 -11.90 -21.39 39.46
C GLU B 465 -10.74 -21.51 38.47
N ILE B 466 -11.10 -21.63 37.19
CA ILE B 466 -10.13 -21.75 36.12
C ILE B 466 -9.49 -20.42 35.73
N SER B 467 -10.30 -19.38 35.49
CA SER B 467 -9.77 -18.07 35.11
C SER B 467 -8.83 -17.48 36.16
N GLY B 468 -8.96 -17.93 37.39
CA GLY B 468 -8.09 -17.43 38.45
C GLY B 468 -6.92 -18.35 38.76
N SER B 469 -6.65 -19.30 37.86
CA SER B 469 -5.57 -20.25 38.07
C SER B 469 -4.67 -20.38 36.85
N VAL B 470 -3.54 -21.04 37.04
CA VAL B 470 -2.55 -21.27 35.98
C VAL B 470 -2.11 -22.73 36.00
N ALA B 471 -1.90 -23.31 34.82
CA ALA B 471 -1.44 -24.69 34.70
C ALA B 471 0.07 -24.65 34.55
N VAL B 472 0.78 -25.57 35.20
CA VAL B 472 2.24 -25.62 35.10
C VAL B 472 2.72 -27.02 34.73
N PHE B 473 3.38 -27.12 33.58
CA PHE B 473 3.90 -28.36 33.06
C PHE B 473 5.39 -28.49 33.34
N ASP B 474 5.83 -29.69 33.66
CA ASP B 474 7.25 -29.95 33.92
C ASP B 474 7.86 -30.41 32.59
N ILE B 475 8.60 -29.51 31.95
CA ILE B 475 9.23 -29.81 30.67
C ILE B 475 10.15 -31.03 30.77
N LYS B 476 10.87 -31.15 31.88
CA LYS B 476 11.78 -32.29 32.06
C LYS B 476 11.09 -33.64 32.05
N ALA B 477 9.83 -33.66 32.47
CA ALA B 477 9.06 -34.90 32.52
C ALA B 477 8.38 -35.25 31.20
N MET B 478 8.40 -34.32 30.25
CA MET B 478 7.78 -34.55 28.96
C MET B 478 8.46 -35.63 28.14
N THR B 479 7.66 -36.57 27.69
CA THR B 479 8.15 -37.68 26.85
C THR B 479 7.48 -37.45 25.50
N GLY B 480 7.73 -38.30 24.53
CA GLY B 480 7.09 -38.15 23.22
C GLY B 480 6.14 -39.32 22.99
N ASP B 481 5.64 -39.87 24.07
CA ASP B 481 4.70 -40.96 23.99
C ASP B 481 3.28 -40.70 23.50
N GLY B 482 2.97 -39.49 23.09
CA GLY B 482 1.63 -39.16 22.63
C GLY B 482 0.57 -38.97 23.70
N SER B 483 0.87 -39.39 24.93
CA SER B 483 -0.08 -39.20 26.00
C SER B 483 -0.05 -37.72 26.42
N ASP B 484 -0.93 -37.34 27.32
CA ASP B 484 -1.00 -35.96 27.79
C ASP B 484 -0.20 -35.74 29.06
N PRO B 485 0.76 -34.80 29.01
CA PRO B 485 1.56 -34.53 30.20
C PRO B 485 0.67 -33.94 31.29
N GLU B 486 0.96 -34.29 32.54
CA GLU B 486 0.20 -33.79 33.66
C GLU B 486 0.65 -32.37 33.97
N PHE B 487 -0.17 -31.64 34.69
CA PHE B 487 0.17 -30.28 35.07
C PHE B 487 -0.28 -30.03 36.51
N LYS B 488 0.40 -29.12 37.16
CA LYS B 488 0.07 -28.71 38.52
C LYS B 488 -0.76 -27.45 38.33
N THR B 489 -1.79 -27.26 39.17
CA THR B 489 -2.63 -26.07 39.07
C THR B 489 -2.29 -25.11 40.19
N LEU B 490 -1.87 -23.90 39.82
CA LEU B 490 -1.53 -22.89 40.81
C LEU B 490 -2.73 -21.96 40.97
N PRO B 491 -3.27 -21.85 42.21
CA PRO B 491 -4.42 -21.00 42.51
C PRO B 491 -3.95 -19.56 42.73
N ILE B 492 -3.49 -18.93 41.65
CA ILE B 492 -2.96 -17.57 41.68
C ILE B 492 -3.89 -16.52 42.31
N ALA B 493 -5.14 -16.46 41.87
CA ALA B 493 -6.09 -15.48 42.42
C ALA B 493 -6.33 -15.72 43.92
N GLU B 494 -6.41 -16.99 44.31
CA GLU B 494 -6.61 -17.36 45.70
C GLU B 494 -5.41 -16.89 46.53
N TRP B 495 -4.22 -17.05 45.98
CA TRP B 495 -3.00 -16.64 46.67
C TRP B 495 -2.97 -15.12 46.89
N ALA B 496 -3.60 -14.38 45.98
CA ALA B 496 -3.63 -12.92 46.08
C ALA B 496 -4.58 -12.40 47.15
N GLY B 497 -5.47 -13.24 47.64
CA GLY B 497 -6.41 -12.86 48.67
C GLY B 497 -7.30 -11.67 48.34
N ILE B 498 -7.99 -11.74 47.21
CA ILE B 498 -8.89 -10.65 46.81
C ILE B 498 -10.34 -11.09 46.94
N THR B 499 -11.15 -10.30 47.65
CA THR B 499 -12.54 -10.61 47.92
C THR B 499 -13.57 -10.32 46.83
N GLU B 500 -13.74 -9.05 46.49
CA GLU B 500 -14.74 -8.64 45.50
C GLU B 500 -14.45 -8.98 44.04
N GLY B 501 -15.52 -9.20 43.29
CA GLY B 501 -15.42 -9.51 41.88
C GLY B 501 -14.74 -10.82 41.56
N GLN B 502 -14.69 -11.15 40.27
CA GLN B 502 -14.05 -12.37 39.79
C GLN B 502 -12.77 -11.94 39.06
N PRO B 503 -11.69 -11.63 39.79
CA PRO B 503 -10.47 -11.22 39.09
C PRO B 503 -9.95 -12.34 38.21
N ARG B 504 -9.38 -11.96 37.07
CA ARG B 504 -8.86 -12.92 36.12
C ARG B 504 -7.34 -12.85 36.11
N VAL B 505 -6.70 -14.01 36.10
CA VAL B 505 -5.25 -14.08 36.09
C VAL B 505 -4.76 -14.03 34.67
N VAL B 506 -3.73 -13.22 34.41
CA VAL B 506 -3.24 -13.09 33.06
C VAL B 506 -1.73 -12.79 32.91
N GLN B 507 -1.15 -13.44 31.91
CA GLN B 507 0.23 -13.27 31.48
C GLN B 507 1.40 -13.47 32.43
N GLY B 508 2.10 -14.59 32.28
CA GLY B 508 3.27 -14.81 33.11
C GLY B 508 4.43 -14.01 32.52
N GLU B 509 5.31 -13.52 33.37
CA GLU B 509 6.50 -12.78 32.94
C GLU B 509 7.59 -13.06 33.97
N PHE B 510 8.75 -13.51 33.51
CA PHE B 510 9.87 -13.83 34.39
C PHE B 510 10.77 -12.65 34.73
N ASN B 511 11.51 -12.78 35.83
CA ASN B 511 12.49 -11.77 36.22
C ASN B 511 13.74 -12.07 35.35
N LYS B 512 14.77 -11.25 35.48
CA LYS B 512 15.97 -11.44 34.65
C LYS B 512 16.66 -12.79 34.80
N ASP B 513 16.74 -13.29 36.03
CA ASP B 513 17.40 -14.56 36.29
C ASP B 513 16.56 -15.77 35.92
N GLY B 514 15.27 -15.54 35.68
CA GLY B 514 14.40 -16.66 35.36
C GLY B 514 14.15 -17.54 36.57
N THR B 515 14.18 -16.95 37.76
CA THR B 515 13.98 -17.69 38.99
C THR B 515 12.59 -17.43 39.59
N GLU B 516 11.90 -16.43 39.07
CA GLU B 516 10.56 -16.08 39.55
C GLU B 516 9.70 -15.63 38.38
N VAL B 517 8.40 -15.94 38.45
CA VAL B 517 7.47 -15.55 37.41
C VAL B 517 6.28 -14.80 38.01
N TRP B 518 5.92 -13.69 37.37
CA TRP B 518 4.83 -12.84 37.81
C TRP B 518 3.58 -13.03 36.99
N PHE B 519 2.43 -12.84 37.63
CA PHE B 519 1.12 -12.94 36.99
C PHE B 519 0.28 -11.76 37.48
N SER B 520 -0.58 -11.25 36.62
CA SER B 520 -1.46 -10.16 37.02
C SER B 520 -2.81 -10.74 37.45
N VAL B 521 -3.31 -10.27 38.59
CA VAL B 521 -4.62 -10.68 39.09
C VAL B 521 -5.42 -9.43 38.76
N TRP B 522 -6.00 -9.47 37.57
CA TRP B 522 -6.74 -8.40 36.94
C TRP B 522 -8.22 -8.24 37.30
N ASN B 523 -8.53 -7.19 38.05
CA ASN B 523 -9.88 -6.88 38.47
C ASN B 523 -10.26 -5.53 37.85
N GLY B 524 -11.52 -5.12 38.05
CA GLY B 524 -12.00 -3.85 37.51
C GLY B 524 -11.31 -2.63 38.09
N LYS B 525 -11.48 -1.48 37.44
CA LYS B 525 -10.82 -0.25 37.89
C LYS B 525 -11.25 0.27 39.26
N ASP B 526 -12.43 -0.11 39.72
CA ASP B 526 -12.92 0.32 41.02
C ASP B 526 -12.90 -0.86 41.99
N GLN B 527 -12.08 -1.86 41.68
CA GLN B 527 -11.95 -3.04 42.51
C GLN B 527 -10.47 -3.28 42.80
N GLU B 528 -10.19 -4.21 43.71
CA GLU B 528 -8.81 -4.50 44.08
C GLU B 528 -8.12 -5.55 43.20
N SER B 529 -6.95 -5.18 42.70
CA SER B 529 -6.16 -6.08 41.87
C SER B 529 -4.86 -6.41 42.60
N ALA B 530 -4.00 -7.19 41.95
CA ALA B 530 -2.73 -7.55 42.54
C ALA B 530 -1.80 -8.21 41.53
N LEU B 531 -0.54 -8.30 41.90
CA LEU B 531 0.45 -8.99 41.08
C LEU B 531 0.94 -10.13 41.98
N VAL B 532 1.01 -11.33 41.43
CA VAL B 532 1.46 -12.48 42.20
C VAL B 532 2.79 -12.98 41.66
N VAL B 533 3.77 -13.08 42.56
CA VAL B 533 5.10 -13.55 42.21
C VAL B 533 5.28 -14.99 42.70
N VAL B 534 5.52 -15.90 41.77
CA VAL B 534 5.71 -17.31 42.05
C VAL B 534 7.19 -17.71 42.02
N ASP B 535 7.61 -18.52 42.97
CA ASP B 535 8.98 -19.02 43.05
C ASP B 535 9.02 -20.15 42.03
N ASP B 536 9.78 -19.97 40.96
CA ASP B 536 9.87 -20.97 39.88
C ASP B 536 10.45 -22.32 40.30
N LYS B 537 11.40 -22.35 41.23
CA LYS B 537 11.97 -23.63 41.63
C LYS B 537 11.03 -24.49 42.48
N THR B 538 10.19 -23.87 43.29
CA THR B 538 9.27 -24.60 44.16
C THR B 538 7.79 -24.56 43.75
N LEU B 539 7.46 -23.66 42.82
CA LEU B 539 6.08 -23.47 42.36
C LEU B 539 5.18 -23.02 43.52
N GLU B 540 5.77 -22.30 44.46
CA GLU B 540 5.05 -21.80 45.62
C GLU B 540 4.96 -20.28 45.55
N LEU B 541 4.00 -19.72 46.28
CA LEU B 541 3.79 -18.29 46.34
C LEU B 541 5.03 -17.64 46.96
N LYS B 542 5.53 -16.59 46.33
CA LYS B 542 6.70 -15.89 46.85
C LYS B 542 6.28 -14.55 47.46
N HIS B 543 5.56 -13.76 46.68
CA HIS B 543 5.16 -12.43 47.14
C HIS B 543 3.93 -11.93 46.41
N VAL B 544 3.11 -11.15 47.11
CA VAL B 544 1.92 -10.56 46.52
C VAL B 544 2.06 -9.04 46.54
N ILE B 545 1.98 -8.42 45.37
CA ILE B 545 2.09 -6.98 45.26
C ILE B 545 0.69 -6.36 45.24
N LYS B 546 0.40 -5.55 46.26
CA LYS B 546 -0.89 -4.87 46.37
C LYS B 546 -0.61 -3.41 46.71
N ASP B 547 -1.37 -2.53 46.10
CA ASP B 547 -1.20 -1.10 46.32
C ASP B 547 -2.44 -0.39 45.74
N GLU B 548 -2.89 0.66 46.41
CA GLU B 548 -4.07 1.40 45.97
C GLU B 548 -3.86 1.93 44.54
N ARG B 549 -2.62 2.19 44.18
CA ARG B 549 -2.27 2.69 42.83
C ARG B 549 -2.28 1.61 41.77
N LEU B 550 -2.19 0.35 42.18
CA LEU B 550 -2.16 -0.76 41.24
C LEU B 550 -3.54 -1.05 40.65
N VAL B 551 -4.00 -0.14 39.80
CA VAL B 551 -5.32 -0.25 39.19
C VAL B 551 -5.26 -0.98 37.85
N THR B 552 -6.13 -1.99 37.70
CA THR B 552 -6.22 -2.79 36.49
C THR B 552 -4.88 -3.22 35.87
N PRO B 553 -4.02 -3.89 36.68
CA PRO B 553 -2.73 -4.33 36.15
C PRO B 553 -2.92 -5.43 35.11
N THR B 554 -2.29 -5.27 33.95
CA THR B 554 -2.41 -6.28 32.90
C THR B 554 -1.02 -6.67 32.40
N GLY B 555 -0.58 -6.11 31.27
CA GLY B 555 0.73 -6.46 30.74
C GLY B 555 1.91 -6.10 31.63
N LYS B 556 2.87 -7.03 31.75
CA LYS B 556 4.07 -6.81 32.54
C LYS B 556 5.26 -7.15 31.64
N PHE B 557 6.28 -6.29 31.66
CA PHE B 557 7.45 -6.56 30.82
C PHE B 557 8.77 -6.31 31.55
N ASN B 558 9.53 -7.36 31.75
CA ASN B 558 10.83 -7.28 32.40
C ASN B 558 11.80 -6.65 31.40
N VAL B 559 12.56 -5.67 31.85
CA VAL B 559 13.50 -4.98 30.97
C VAL B 559 14.45 -5.92 30.21
N TYR B 560 15.13 -6.80 30.93
CA TYR B 560 16.07 -7.71 30.27
C TYR B 560 15.43 -8.66 29.28
N ASN B 561 14.38 -9.35 29.72
CA ASN B 561 13.73 -10.34 28.87
C ASN B 561 13.06 -9.72 27.65
N THR B 562 12.65 -8.46 27.77
CA THR B 562 12.01 -7.77 26.65
C THR B 562 13.07 -7.25 25.69
N MET B 563 14.12 -6.61 26.21
CA MET B 563 15.15 -6.09 25.33
C MET B 563 15.89 -7.18 24.58
N THR B 564 15.97 -8.37 25.18
CA THR B 564 16.68 -9.50 24.56
C THR B 564 15.78 -10.54 23.89
N ASP B 565 14.46 -10.34 23.93
CA ASP B 565 13.52 -11.28 23.34
C ASP B 565 13.75 -12.69 23.89
N THR B 566 13.81 -12.76 25.22
CA THR B 566 14.02 -14.02 25.90
C THR B 566 12.68 -14.57 26.38
N TYR B 567 12.18 -15.55 25.64
CA TYR B 567 10.92 -16.21 25.95
C TYR B 567 10.89 -17.53 25.19
#